data_9R0D
#
_entry.id   9R0D
#
_cell.length_a   231.987
_cell.length_b   94.009
_cell.length_c   55.522
_cell.angle_alpha   90.00
_cell.angle_beta   90.00
_cell.angle_gamma   90.00
#
_symmetry.space_group_name_H-M   'P 21 21 2'
#
loop_
_entity.id
_entity.type
_entity.pdbx_description
1 polymer "5'-nucleotidase"
2 non-polymer 'ZINC ION'
3 non-polymer 'CALCIUM ION'
4 non-polymer 2-acetamido-2-deoxy-beta-D-glucopyranose
5 non-polymer '[[(2~{R},3~{S},4~{R},5~{R})-5-[5-chloranyl-7-[[(1~{S})-1~{H}-inden-1-yl]-methyl-amino]-[1,2,3]triazolo[4,5-d]pyrimidin-3-yl]-3,4-bis(oxidanyl)oxolan-2-yl]methoxy-oxidanyl-phosphoryl]methylphosphonic acid'
6 non-polymer 'PHOSPHATE ION'
7 water water
#
_entity_poly.entity_id   1
_entity_poly.type   'polypeptide(L)'
_entity_poly.pdbx_seq_one_letter_code
;LASMWELTILHTNDVHSRLEQTSEDSSKCVDASRCMGGVARLFTKVQQIRRAEPNVLLLDAGDQYQGTIWFTVYKGAEVA
HFMNALRYDAMALGNHEFDNGVEGLIEPLLKEAKFPILSANIKAKGPLASQISGLYLPYKVLPVGDEVVGIVGYTSKETP
FLSNPGTNLVFEDEITALQPEVDKLKTLNVNKIIALGHSGFEMDKLIAQKVRGVDVVVGGHSNTFLYTGNPPSKEVPAGK
YPFIVTSDDGRKVPVVQAYAFGKYLGYLKIEFDERGNVISSHGNPILLNSSIPEDPSIKADINKWRIKLDDYSTQELGKT
IVYLDGSSQSCRFRECNMGNLICDAMINNNLRHTDEMFWNHVSMCILNGGGIRSPIDERNDGTITWENLAAVLPFGGTFD
LVQLKGSTLKKAFEHSVHRYGQSTGEFLQVGGIHVVYDLSRKPGDRVVKLDVLCTKCRVPSYDPLKMDEVYKVILPNFLA
NGGDGFQMIKDELLRHDSGDQDINVVSTYISKMKVIYPAVEGRIKFSHHHHHH
;
_entity_poly.pdbx_strand_id   A,B
#
loop_
_chem_comp.id
_chem_comp.type
_chem_comp.name
_chem_comp.formula
A1JCF non-polymer '[[(2~{R},3~{S},4~{R},5~{R})-5-[5-chloranyl-7-[[(1~{S})-1~{H}-inden-1-yl]-methyl-amino]-[1,2,3]triazolo[4,5-d]pyrimidin-3-yl]-3,4-bis(oxidanyl)oxolan-2-yl]methoxy-oxidanyl-phosphoryl]methylphosphonic acid' 'C20 H23 Cl N6 O9 P2'
CA non-polymer 'CALCIUM ION' 'Ca 2'
NAG D-saccharide, beta linking 2-acetamido-2-deoxy-beta-D-glucopyranose 'C8 H15 N O6'
PO4 non-polymer 'PHOSPHATE ION' 'O4 P -3'
ZN non-polymer 'ZINC ION' 'Zn 2'
#
# COMPACT_ATOMS: atom_id res chain seq x y z
N SER A 3 34.77 44.45 39.77
CA SER A 3 33.28 44.35 39.88
C SER A 3 32.76 43.14 39.11
N MET A 4 31.43 43.06 39.02
CA MET A 4 30.73 42.12 38.12
C MET A 4 30.05 42.89 36.98
N TRP A 5 29.97 42.21 35.82
CA TRP A 5 29.36 42.77 34.62
C TRP A 5 28.46 41.74 33.95
N GLU A 6 27.16 42.05 33.90
CA GLU A 6 26.16 41.13 33.36
C GLU A 6 25.90 41.36 31.89
N LEU A 7 25.83 40.25 31.15
CA LEU A 7 25.50 40.26 29.72
C LEU A 7 24.40 39.25 29.45
N THR A 8 23.34 39.68 28.78
CA THR A 8 22.26 38.83 28.34
C THR A 8 22.43 38.52 26.85
N ILE A 9 22.66 37.24 26.55
CA ILE A 9 22.68 36.76 25.18
C ILE A 9 21.33 36.15 24.81
N LEU A 10 20.69 36.79 23.84
CA LEU A 10 19.48 36.32 23.21
C LEU A 10 19.88 35.73 21.88
N HIS A 11 19.42 34.53 21.56
CA HIS A 11 19.91 33.89 20.35
C HIS A 11 18.92 32.99 19.66
N THR A 12 19.02 32.96 18.33
CA THR A 12 18.21 32.11 17.48
C THR A 12 19.15 31.34 16.61
N ASN A 13 18.71 30.19 16.14
CA ASN A 13 19.45 29.44 15.16
C ASN A 13 18.50 28.56 14.35
N ASP A 14 18.91 28.25 13.13
CA ASP A 14 18.13 27.36 12.27
C ASP A 14 16.66 27.76 12.10
N VAL A 15 16.41 29.06 12.03
CA VAL A 15 15.03 29.56 11.84
C VAL A 15 14.39 28.97 10.58
N HIS A 16 15.17 28.82 9.52
CA HIS A 16 14.72 28.13 8.31
C HIS A 16 13.44 28.74 7.73
N SER A 17 13.54 30.03 7.41
CA SER A 17 12.54 30.71 6.61
C SER A 17 11.13 30.73 7.25
N ARG A 18 11.07 30.54 8.58
CA ARG A 18 9.81 30.53 9.30
C ARG A 18 9.52 31.98 9.76
N LEU A 19 9.31 32.88 8.79
CA LEU A 19 9.11 34.31 9.04
C LEU A 19 7.80 34.53 9.77
N GLU A 20 6.80 33.76 9.36
CA GLU A 20 5.48 33.74 10.00
C GLU A 20 5.43 32.75 11.11
N GLN A 21 4.43 32.90 11.97
CA GLN A 21 4.17 31.97 13.07
C GLN A 21 3.75 30.61 12.53
N THR A 22 4.05 29.58 13.30
CA THR A 22 3.88 28.21 12.85
C THR A 22 2.99 27.42 13.78
N SER A 23 2.63 26.24 13.33
CA SER A 23 2.04 25.25 14.21
C SER A 23 3.08 24.80 15.24
N GLU A 24 2.67 24.08 16.27
CA GLU A 24 3.62 23.51 17.25
C GLU A 24 4.80 22.74 16.61
N ASP A 25 4.52 22.07 15.50
CA ASP A 25 5.47 21.18 14.84
C ASP A 25 6.25 21.83 13.67
N SER A 26 6.23 23.17 13.57
CA SER A 26 6.95 23.94 12.53
C SER A 26 6.17 24.14 11.22
N SER A 27 5.05 23.44 11.03
CA SER A 27 4.30 23.52 9.79
C SER A 27 3.44 24.78 9.77
N LYS A 28 2.75 25.01 8.65
CA LYS A 28 1.99 26.23 8.44
C LYS A 28 0.97 26.39 9.55
N CYS A 29 0.81 27.64 9.99
CA CYS A 29 -0.16 28.02 10.99
C CYS A 29 -1.56 27.93 10.42
N VAL A 30 -2.42 27.17 11.11
CA VAL A 30 -3.84 27.05 10.76
C VAL A 30 -4.75 27.57 11.91
N ASP A 31 -4.59 27.00 13.11
CA ASP A 31 -5.33 27.42 14.32
C ASP A 31 -4.54 28.51 15.06
N ALA A 32 -4.84 29.76 14.73
CA ALA A 32 -4.08 30.92 15.24
C ALA A 32 -3.91 30.98 16.74
N SER A 33 -4.94 30.56 17.48
CA SER A 33 -4.90 30.50 18.94
C SER A 33 -3.73 29.68 19.51
N ARG A 34 -3.29 28.65 18.80
CA ARG A 34 -2.24 27.74 19.28
C ARG A 34 -0.94 27.77 18.46
N CYS A 35 -0.72 28.85 17.70
CA CYS A 35 0.47 28.97 16.85
C CYS A 35 1.67 29.54 17.65
N MET A 36 2.86 29.53 17.05
CA MET A 36 4.11 29.77 17.76
C MET A 36 5.21 30.37 16.87
N GLY A 37 6.13 31.08 17.50
CA GLY A 37 7.27 31.65 16.79
C GLY A 37 6.88 32.75 15.81
N GLY A 38 7.67 32.86 14.74
CA GLY A 38 7.53 33.94 13.76
C GLY A 38 8.22 35.20 14.27
N VAL A 39 8.75 36.01 13.35
CA VAL A 39 9.50 37.23 13.72
C VAL A 39 8.70 38.30 14.48
N ALA A 40 7.40 38.39 14.24
CA ALA A 40 6.55 39.33 14.97
C ALA A 40 6.47 38.98 16.47
N ARG A 41 6.22 37.72 16.78
CA ARG A 41 6.22 37.28 18.17
C ARG A 41 7.63 37.46 18.78
N LEU A 42 8.66 37.08 18.04
CA LEU A 42 10.03 37.17 18.54
C LEU A 42 10.43 38.61 18.93
N PHE A 43 9.99 39.57 18.14
CA PHE A 43 10.23 40.98 18.41
C PHE A 43 9.65 41.40 19.74
N THR A 44 8.41 41.00 20.01
CA THR A 44 7.74 41.33 21.25
C THR A 44 8.60 40.92 22.44
N LYS A 45 9.09 39.69 22.41
CA LYS A 45 9.82 39.16 23.56
C LYS A 45 11.20 39.77 23.70
N VAL A 46 11.89 39.98 22.58
CA VAL A 46 13.22 40.62 22.53
C VAL A 46 13.07 42.01 23.14
N GLN A 47 12.05 42.76 22.72
CA GLN A 47 11.87 44.09 23.22
C GLN A 47 11.55 44.08 24.73
N GLN A 48 10.78 43.09 25.19
CA GLN A 48 10.52 42.90 26.64
C GLN A 48 11.77 42.71 27.51
N ILE A 49 12.78 42.06 26.95
CA ILE A 49 14.06 41.79 27.61
C ILE A 49 15.02 42.97 27.54
N ARG A 50 15.15 43.55 26.35
CA ARG A 50 15.97 44.76 26.15
C ARG A 50 15.59 45.95 27.02
N ARG A 51 14.30 46.12 27.28
CA ARG A 51 13.80 47.20 28.12
C ARG A 51 14.05 46.99 29.62
N ALA A 52 14.27 45.72 30.01
CA ALA A 52 14.45 45.33 31.40
C ALA A 52 15.90 45.12 31.80
N GLU A 53 16.78 44.91 30.82
CA GLU A 53 18.19 44.62 31.07
C GLU A 53 19.04 45.47 30.16
N PRO A 54 20.04 46.20 30.72
CA PRO A 54 20.80 47.14 29.90
C PRO A 54 21.77 46.50 28.90
N ASN A 55 22.37 45.37 29.25
CA ASN A 55 23.37 44.72 28.39
C ASN A 55 22.87 43.47 27.65
N VAL A 56 22.43 43.65 26.39
CA VAL A 56 21.84 42.56 25.58
C VAL A 56 22.48 42.51 24.20
N LEU A 57 22.87 41.31 23.79
CA LEU A 57 23.15 41.01 22.40
C LEU A 57 22.15 39.99 21.88
N LEU A 58 21.64 40.22 20.66
CA LEU A 58 20.73 39.30 19.97
C LEU A 58 21.49 38.74 18.79
N LEU A 59 21.76 37.44 18.81
CA LEU A 59 22.67 36.84 17.84
C LEU A 59 21.96 35.74 17.07
N ASP A 60 22.37 35.50 15.83
CA ASP A 60 21.86 34.38 15.04
C ASP A 60 23.02 33.48 14.64
N ALA A 61 22.83 32.17 14.77
CA ALA A 61 23.83 31.15 14.41
C ALA A 61 23.60 30.52 13.01
N GLY A 62 22.93 31.21 12.11
CA GLY A 62 22.79 30.76 10.72
C GLY A 62 21.60 29.86 10.43
N ASP A 63 21.49 29.49 9.14
CA ASP A 63 20.34 28.76 8.60
C ASP A 63 19.04 29.56 8.72
N GLN A 64 19.13 30.88 8.56
CA GLN A 64 17.97 31.71 8.29
C GLN A 64 17.42 31.43 6.87
N TYR A 65 18.32 31.20 5.93
CA TYR A 65 17.96 30.90 4.55
C TYR A 65 17.29 29.53 4.45
N GLN A 66 16.35 29.41 3.52
N GLN A 66 16.29 29.44 3.57
CA GLN A 66 15.76 28.13 3.07
CA GLN A 66 15.75 28.16 3.09
C GLN A 66 14.80 27.50 4.09
C GLN A 66 14.82 27.47 4.09
N GLY A 67 13.61 27.13 3.63
CA GLY A 67 12.61 26.47 4.47
C GLY A 67 11.17 26.58 4.01
N THR A 68 10.76 27.76 3.54
CA THR A 68 9.36 28.02 3.17
C THR A 68 9.32 28.78 1.87
N ILE A 69 8.11 29.00 1.33
CA ILE A 69 7.96 29.86 0.14
C ILE A 69 8.47 31.31 0.35
N TRP A 70 8.61 31.76 1.61
CA TRP A 70 9.27 33.04 1.91
C TRP A 70 10.62 33.17 1.21
N PHE A 71 11.43 32.10 1.26
CA PHE A 71 12.75 32.09 0.63
C PHE A 71 12.67 31.83 -0.87
N THR A 72 11.72 31.00 -1.29
CA THR A 72 11.53 30.77 -2.71
C THR A 72 11.19 32.06 -3.44
N VAL A 73 10.30 32.87 -2.86
CA VAL A 73 9.90 34.15 -3.47
C VAL A 73 10.93 35.27 -3.26
N TYR A 74 11.41 35.46 -2.03
CA TYR A 74 12.26 36.64 -1.68
C TYR A 74 13.77 36.43 -1.61
N LYS A 75 14.18 35.18 -1.49
CA LYS A 75 15.56 34.76 -1.75
C LYS A 75 16.61 35.38 -0.81
N GLY A 76 16.23 35.59 0.45
CA GLY A 76 17.11 36.22 1.44
C GLY A 76 16.80 37.68 1.75
N ALA A 77 16.07 38.39 0.88
CA ALA A 77 15.69 39.79 1.15
C ALA A 77 14.80 39.93 2.39
N GLU A 78 13.95 38.94 2.61
CA GLU A 78 13.09 38.86 3.78
C GLU A 78 13.92 38.66 5.04
N VAL A 79 15.02 37.93 4.91
CA VAL A 79 15.92 37.69 6.03
C VAL A 79 16.65 38.97 6.40
N ALA A 80 17.19 39.66 5.39
CA ALA A 80 17.83 40.96 5.63
C ALA A 80 16.85 41.93 6.24
N HIS A 81 15.66 42.00 5.66
CA HIS A 81 14.68 42.98 6.06
C HIS A 81 14.15 42.76 7.46
N PHE A 82 13.66 41.55 7.73
CA PHE A 82 13.10 41.28 9.07
C PHE A 82 14.14 41.08 10.17
N MET A 83 15.38 40.77 9.80
CA MET A 83 16.47 40.74 10.80
C MET A 83 16.88 42.15 11.13
N ASN A 84 16.79 43.05 10.16
CA ASN A 84 17.07 44.46 10.43
C ASN A 84 16.04 45.08 11.35
N ALA A 85 14.76 44.82 11.08
CA ALA A 85 13.66 45.27 11.96
C ALA A 85 13.83 44.77 13.39
N LEU A 86 14.25 43.53 13.57
CA LEU A 86 14.53 43.00 14.92
C LEU A 86 15.82 43.51 15.58
N ARG A 87 16.68 44.19 14.80
CA ARG A 87 17.96 44.72 15.22
C ARG A 87 18.90 43.65 15.82
N TYR A 88 19.13 42.58 15.05
CA TYR A 88 20.19 41.60 15.42
C TYR A 88 21.52 42.31 15.52
N ASP A 89 22.33 41.93 16.49
CA ASP A 89 23.67 42.52 16.63
C ASP A 89 24.69 41.79 15.77
N ALA A 90 24.40 40.55 15.38
CA ALA A 90 25.36 39.70 14.69
C ALA A 90 24.79 38.38 14.21
N MET A 91 25.32 37.88 13.10
CA MET A 91 24.93 36.58 12.58
C MET A 91 26.15 35.80 12.13
N ALA A 92 26.19 34.52 12.47
CA ALA A 92 27.12 33.58 11.84
C ALA A 92 26.50 33.01 10.58
N LEU A 93 27.27 32.90 9.49
CA LEU A 93 26.80 32.23 8.29
C LEU A 93 26.60 30.74 8.53
N GLY A 94 25.58 30.18 7.90
CA GLY A 94 25.28 28.77 7.96
C GLY A 94 25.38 28.13 6.59
N ASN A 95 25.24 26.81 6.54
CA ASN A 95 25.34 26.08 5.29
C ASN A 95 24.27 26.52 4.29
N HIS A 96 23.07 26.75 4.78
CA HIS A 96 21.96 27.11 3.92
C HIS A 96 22.06 28.52 3.32
N GLU A 97 22.87 29.40 3.93
CA GLU A 97 23.15 30.70 3.36
C GLU A 97 23.92 30.61 2.05
N PHE A 98 24.40 29.40 1.68
CA PHE A 98 24.99 29.21 0.36
C PHE A 98 24.07 28.54 -0.66
N ASP A 99 22.79 28.34 -0.36
CA ASP A 99 21.93 27.52 -1.26
C ASP A 99 21.62 28.14 -2.60
N ASN A 100 21.71 29.46 -2.72
CA ASN A 100 21.58 30.13 -4.02
C ASN A 100 22.95 30.60 -4.55
N GLY A 101 24.00 29.87 -4.23
CA GLY A 101 25.37 30.24 -4.62
C GLY A 101 25.91 31.39 -3.79
N VAL A 102 27.12 31.82 -4.12
CA VAL A 102 27.76 32.95 -3.45
C VAL A 102 27.06 34.26 -3.79
N GLU A 103 26.62 34.41 -5.04
CA GLU A 103 25.90 35.62 -5.46
C GLU A 103 24.63 35.78 -4.66
N GLY A 104 23.88 34.69 -4.52
CA GLY A 104 22.65 34.65 -3.69
C GLY A 104 22.81 34.93 -2.21
N LEU A 105 24.07 34.92 -1.74
CA LEU A 105 24.45 35.36 -0.38
C LEU A 105 24.84 36.84 -0.38
N ILE A 106 25.66 37.24 -1.35
CA ILE A 106 26.15 38.61 -1.43
C ILE A 106 25.01 39.60 -1.61
N GLU A 107 24.22 39.41 -2.66
CA GLU A 107 23.32 40.48 -3.13
C GLU A 107 22.07 40.70 -2.28
N PRO A 108 21.40 39.60 -1.88
CA PRO A 108 20.23 39.81 -1.01
C PRO A 108 20.55 40.04 0.48
N LEU A 109 21.55 39.36 1.03
CA LEU A 109 21.78 39.35 2.49
C LEU A 109 23.00 40.15 2.96
N LEU A 110 24.19 39.84 2.44
CA LEU A 110 25.40 40.55 2.86
C LEU A 110 25.43 42.04 2.57
N LYS A 111 24.88 42.45 1.44
CA LYS A 111 24.82 43.88 1.10
C LYS A 111 23.67 44.66 1.76
N GLU A 112 22.64 43.96 2.23
N GLU A 112 22.65 43.97 2.26
CA GLU A 112 21.44 44.57 2.83
CA GLU A 112 21.48 44.61 2.85
C GLU A 112 21.42 44.55 4.36
C GLU A 112 21.39 44.52 4.37
N ALA A 113 22.11 43.59 4.98
CA ALA A 113 22.14 43.44 6.44
C ALA A 113 22.83 44.63 7.11
N LYS A 114 22.25 45.12 8.20
CA LYS A 114 22.79 46.27 8.93
C LYS A 114 23.49 45.77 10.22
N PHE A 115 23.94 44.53 10.21
CA PHE A 115 24.70 43.95 11.29
C PHE A 115 25.81 43.11 10.70
N PRO A 116 26.91 42.93 11.43
CA PRO A 116 27.98 42.11 10.93
C PRO A 116 27.53 40.68 10.75
N ILE A 117 27.94 40.10 9.62
CA ILE A 117 27.74 38.70 9.34
C ILE A 117 29.12 38.06 9.37
N LEU A 118 29.25 36.91 10.05
CA LEU A 118 30.57 36.39 10.46
C LEU A 118 30.88 34.95 10.06
N SER A 119 32.14 34.70 9.73
CA SER A 119 32.69 33.35 9.60
C SER A 119 34.19 33.47 9.44
N ALA A 120 34.92 32.99 10.43
CA ALA A 120 36.38 33.03 10.48
C ALA A 120 37.04 31.86 9.77
N ASN A 121 36.33 30.76 9.54
CA ASN A 121 36.91 29.59 8.85
C ASN A 121 36.65 29.54 7.33
N ILE A 122 35.88 30.49 6.81
CA ILE A 122 35.64 30.58 5.38
C ILE A 122 36.65 31.56 4.81
N LYS A 123 37.54 31.06 3.95
CA LYS A 123 38.54 31.90 3.29
C LYS A 123 38.24 31.92 1.79
N ALA A 124 38.28 33.12 1.22
CA ALA A 124 38.00 33.34 -0.19
C ALA A 124 39.29 33.35 -0.99
N LYS A 125 39.22 32.89 -2.23
CA LYS A 125 40.37 32.70 -3.11
C LYS A 125 40.00 33.00 -4.56
N GLY A 126 40.99 33.26 -5.41
CA GLY A 126 40.74 33.63 -6.81
C GLY A 126 40.10 35.01 -6.93
N PRO A 127 39.37 35.29 -8.04
CA PRO A 127 38.71 36.59 -8.26
C PRO A 127 37.70 37.02 -7.20
N LEU A 128 37.14 36.04 -6.50
CA LEU A 128 36.14 36.29 -5.46
C LEU A 128 36.68 36.99 -4.21
N ALA A 129 37.97 36.86 -3.94
CA ALA A 129 38.57 37.34 -2.68
C ALA A 129 38.35 38.83 -2.45
N SER A 130 38.65 39.64 -3.45
CA SER A 130 38.49 41.09 -3.39
C SER A 130 37.01 41.49 -3.51
N GLN A 131 36.26 40.77 -4.34
CA GLN A 131 34.82 41.01 -4.57
C GLN A 131 33.93 40.93 -3.31
N ILE A 132 34.30 40.03 -2.40
CA ILE A 132 33.58 39.76 -1.15
C ILE A 132 34.32 40.27 0.12
N SER A 133 35.54 40.76 -0.02
CA SER A 133 36.34 41.22 1.11
C SER A 133 35.57 42.20 1.97
N GLY A 134 35.37 41.83 3.24
CA GLY A 134 34.70 42.68 4.22
C GLY A 134 33.20 42.48 4.31
N LEU A 135 32.58 41.83 3.30
CA LEU A 135 31.13 41.62 3.27
C LEU A 135 30.72 40.62 4.31
N TYR A 136 31.68 39.82 4.75
CA TYR A 136 31.56 39.05 5.97
C TYR A 136 32.94 39.12 6.62
N LEU A 137 33.01 39.01 7.94
CA LEU A 137 34.26 39.23 8.69
C LEU A 137 34.57 37.98 9.52
N PRO A 138 35.84 37.79 9.93
CA PRO A 138 36.13 36.68 10.84
C PRO A 138 35.57 36.93 12.25
N TYR A 139 35.51 38.20 12.65
CA TYR A 139 34.92 38.60 13.93
C TYR A 139 34.31 39.99 13.84
N LYS A 140 33.62 40.38 14.90
CA LYS A 140 33.33 41.80 15.15
C LYS A 140 33.45 42.05 16.66
N VAL A 141 34.03 43.20 17.02
CA VAL A 141 34.08 43.70 18.38
C VAL A 141 32.97 44.73 18.50
N LEU A 142 31.99 44.42 19.36
CA LEU A 142 30.80 45.24 19.55
C LEU A 142 30.86 45.92 20.90
N PRO A 143 30.50 47.22 20.94
CA PRO A 143 30.32 47.85 22.24
C PRO A 143 29.02 47.40 22.87
N VAL A 144 29.07 47.15 24.17
CA VAL A 144 27.93 46.79 24.98
C VAL A 144 28.09 47.61 26.23
N GLY A 145 27.31 48.67 26.35
CA GLY A 145 27.51 49.63 27.44
C GLY A 145 28.91 50.20 27.33
N ASP A 146 29.66 50.13 28.44
CA ASP A 146 31.05 50.63 28.52
C ASP A 146 32.10 49.55 28.26
N GLU A 147 31.66 48.33 28.06
CA GLU A 147 32.54 47.21 27.73
C GLU A 147 32.50 46.89 26.23
N VAL A 148 33.49 46.13 25.79
CA VAL A 148 33.50 45.56 24.44
C VAL A 148 33.46 44.06 24.54
N VAL A 149 32.79 43.43 23.57
CA VAL A 149 32.58 41.99 23.53
C VAL A 149 32.92 41.55 22.13
N GLY A 150 33.82 40.58 22.03
CA GLY A 150 34.28 40.08 20.75
C GLY A 150 33.40 38.94 20.31
N ILE A 151 32.93 38.98 19.07
CA ILE A 151 32.16 37.87 18.50
C ILE A 151 32.90 37.29 17.31
N VAL A 152 33.21 36.00 17.40
CA VAL A 152 34.01 35.32 16.38
C VAL A 152 33.19 34.19 15.72
N GLY A 153 33.16 34.18 14.39
CA GLY A 153 32.22 33.41 13.60
C GLY A 153 32.82 32.11 13.11
N TYR A 154 31.97 31.11 12.85
CA TYR A 154 32.38 29.86 12.22
C TYR A 154 31.21 29.19 11.54
N THR A 155 31.50 28.35 10.55
CA THR A 155 30.49 27.69 9.71
C THR A 155 30.90 26.26 9.40
N SER A 156 29.93 25.35 9.30
CA SER A 156 30.23 23.93 9.15
C SER A 156 31.14 23.69 7.96
N LYS A 157 32.14 22.85 8.14
CA LYS A 157 33.01 22.49 7.02
C LYS A 157 32.39 21.43 6.13
N GLU A 158 31.16 21.00 6.43
CA GLU A 158 30.34 20.18 5.53
C GLU A 158 29.47 21.01 4.57
N THR A 159 29.66 22.32 4.55
CA THR A 159 28.92 23.22 3.66
C THR A 159 29.09 22.93 2.15
N PRO A 160 30.31 22.57 1.69
CA PRO A 160 30.49 22.12 0.28
C PRO A 160 29.65 20.91 -0.16
N PHE A 161 29.31 20.04 0.80
CA PHE A 161 28.50 18.84 0.53
C PHE A 161 27.00 19.06 0.75
N LEU A 162 26.63 20.10 1.50
CA LEU A 162 25.22 20.42 1.80
C LEU A 162 24.62 21.59 1.03
N SER A 163 25.45 22.38 0.38
CA SER A 163 24.99 23.61 -0.24
C SER A 163 25.73 23.87 -1.53
N ASN A 164 25.69 25.11 -2.03
CA ASN A 164 26.46 25.49 -3.20
C ASN A 164 27.40 26.67 -2.95
N PRO A 165 28.41 26.48 -2.10
CA PRO A 165 29.36 27.56 -1.85
C PRO A 165 30.34 27.85 -3.00
N GLY A 166 30.39 26.99 -4.03
CA GLY A 166 31.26 27.18 -5.20
C GLY A 166 32.69 26.73 -4.92
N THR A 167 33.54 26.85 -5.93
CA THR A 167 34.96 26.41 -5.82
C THR A 167 35.94 27.46 -5.26
N ASN A 168 35.51 28.72 -5.17
CA ASN A 168 36.36 29.80 -4.66
C ASN A 168 36.23 30.08 -3.15
N LEU A 169 35.56 29.20 -2.37
CA LEU A 169 35.53 29.29 -0.90
C LEU A 169 36.10 28.03 -0.27
N VAL A 170 37.02 28.19 0.68
CA VAL A 170 37.63 27.08 1.40
C VAL A 170 37.08 27.12 2.82
N PHE A 171 36.51 26.00 3.27
CA PHE A 171 35.93 25.87 4.60
C PHE A 171 36.93 25.19 5.54
N GLU A 172 37.73 25.99 6.24
CA GLU A 172 38.81 25.47 7.06
C GLU A 172 38.28 24.79 8.32
N ASP A 173 39.10 23.92 8.90
CA ASP A 173 38.80 23.34 10.19
C ASP A 173 38.53 24.47 11.16
N GLU A 174 37.43 24.35 11.92
CA GLU A 174 36.94 25.45 12.78
C GLU A 174 37.89 25.84 13.90
N ILE A 175 38.49 24.85 14.56
CA ILE A 175 39.36 25.11 15.72
C ILE A 175 40.64 25.81 15.27
N THR A 176 41.28 25.29 14.24
CA THR A 176 42.47 25.90 13.63
C THR A 176 42.29 27.36 13.16
N ALA A 177 41.15 27.67 12.54
CA ALA A 177 40.88 29.02 12.03
C ALA A 177 40.53 30.00 13.13
N LEU A 178 39.77 29.52 14.12
CA LEU A 178 39.29 30.36 15.22
C LEU A 178 40.35 30.85 16.16
N GLN A 179 41.28 29.96 16.51
CA GLN A 179 42.29 30.21 17.54
C GLN A 179 43.17 31.45 17.34
N PRO A 180 43.71 31.67 16.12
CA PRO A 180 44.48 32.90 15.91
C PRO A 180 43.67 34.19 15.96
N GLU A 181 42.36 34.11 15.67
CA GLU A 181 41.47 35.25 15.75
C GLU A 181 41.11 35.59 17.20
N VAL A 182 40.89 34.58 18.02
CA VAL A 182 40.62 34.76 19.43
C VAL A 182 41.90 35.28 20.13
N ASP A 183 43.05 34.71 19.75
CA ASP A 183 44.36 35.24 20.13
C ASP A 183 44.54 36.71 19.75
N LYS A 184 44.19 37.07 18.53
CA LYS A 184 44.30 38.46 18.06
C LYS A 184 43.55 39.38 18.98
N LEU A 185 42.30 39.04 19.23
CA LEU A 185 41.42 39.83 20.07
C LEU A 185 41.94 40.00 21.51
N LYS A 186 42.54 38.95 22.06
CA LYS A 186 43.07 39.04 23.42
C LYS A 186 44.21 40.05 23.46
N THR A 187 45.11 39.97 22.48
CA THR A 187 46.17 40.95 22.26
C THR A 187 45.67 42.38 22.08
N LEU A 188 44.47 42.54 21.52
CA LEU A 188 43.80 43.84 21.46
C LEU A 188 42.98 44.15 22.72
N ASN A 189 43.27 43.43 23.81
CA ASN A 189 42.60 43.56 25.11
C ASN A 189 41.10 43.48 25.05
N VAL A 190 40.60 42.59 24.21
CA VAL A 190 39.21 42.20 24.21
C VAL A 190 39.16 40.92 25.06
N ASN A 191 38.58 41.05 26.23
CA ASN A 191 38.64 40.01 27.26
C ASN A 191 37.39 39.12 27.38
N LYS A 192 36.29 39.55 26.74
CA LYS A 192 35.07 38.77 26.68
C LYS A 192 34.86 38.36 25.22
N ILE A 193 34.71 37.05 24.99
CA ILE A 193 34.74 36.48 23.65
C ILE A 193 33.68 35.39 23.49
N ILE A 194 32.78 35.61 22.51
CA ILE A 194 31.69 34.70 22.20
C ILE A 194 31.99 34.07 20.86
N ALA A 195 31.90 32.76 20.80
CA ALA A 195 32.06 32.03 19.56
C ALA A 195 30.67 31.74 19.04
N LEU A 196 30.33 32.31 17.88
CA LEU A 196 28.98 32.24 17.29
C LEU A 196 29.11 31.54 15.94
N GLY A 197 28.42 30.41 15.77
CA GLY A 197 28.65 29.62 14.58
C GLY A 197 27.76 28.41 14.35
N HIS A 198 28.01 27.77 13.21
CA HIS A 198 27.06 26.85 12.60
C HIS A 198 27.70 25.52 12.16
N SER A 199 28.04 24.70 13.15
CA SER A 199 28.67 23.41 12.91
C SER A 199 28.08 22.20 13.69
N GLY A 200 27.13 22.44 14.59
CA GLY A 200 26.60 21.38 15.43
C GLY A 200 27.07 21.39 16.87
N PHE A 201 26.25 20.78 17.70
CA PHE A 201 26.45 20.72 19.15
C PHE A 201 27.80 20.05 19.48
N GLU A 202 28.20 19.04 18.71
CA GLU A 202 29.45 18.31 18.98
C GLU A 202 30.70 19.14 18.64
N MET A 203 30.72 19.80 17.49
CA MET A 203 31.80 20.77 17.21
C MET A 203 31.83 21.87 18.25
N ASP A 204 30.65 22.37 18.63
CA ASP A 204 30.53 23.42 19.64
C ASP A 204 31.21 23.08 20.96
N LYS A 205 31.04 21.84 21.43
CA LYS A 205 31.70 21.35 22.66
C LYS A 205 33.22 21.25 22.48
N LEU A 206 33.65 20.86 21.29
CA LEU A 206 35.08 20.85 20.95
C LEU A 206 35.68 22.25 20.91
N ILE A 207 34.99 23.18 20.26
CA ILE A 207 35.44 24.56 20.24
C ILE A 207 35.60 25.07 21.66
N ALA A 208 34.58 24.86 22.48
CA ALA A 208 34.60 25.25 23.88
C ALA A 208 35.77 24.62 24.60
N GLN A 209 36.00 23.33 24.35
CA GLN A 209 37.11 22.60 24.96
C GLN A 209 38.49 23.11 24.52
N LYS A 210 38.66 23.27 23.20
CA LYS A 210 39.97 23.41 22.59
C LYS A 210 40.40 24.86 22.31
N VAL A 211 39.45 25.76 22.00
CA VAL A 211 39.81 27.13 21.61
C VAL A 211 40.02 27.98 22.87
N ARG A 212 41.28 28.23 23.20
CA ARG A 212 41.65 29.01 24.39
C ARG A 212 41.20 30.46 24.20
N GLY A 213 40.52 31.00 25.22
CA GLY A 213 40.04 32.38 25.20
C GLY A 213 38.54 32.54 24.99
N VAL A 214 37.89 31.54 24.39
CA VAL A 214 36.44 31.55 24.16
C VAL A 214 35.74 31.36 25.49
N ASP A 215 34.80 32.24 25.80
CA ASP A 215 34.03 32.21 27.05
C ASP A 215 32.66 31.59 26.93
N VAL A 216 32.03 31.71 25.77
CA VAL A 216 30.70 31.17 25.52
C VAL A 216 30.69 30.71 24.08
N VAL A 217 30.02 29.59 23.84
CA VAL A 217 29.78 29.09 22.48
C VAL A 217 28.28 29.13 22.21
N VAL A 218 27.90 29.80 21.12
CA VAL A 218 26.47 29.92 20.72
C VAL A 218 26.36 29.28 19.36
N GLY A 219 25.63 28.16 19.30
CA GLY A 219 25.64 27.25 18.16
C GLY A 219 24.35 27.06 17.34
N GLY A 220 24.46 26.15 16.39
CA GLY A 220 23.40 25.85 15.46
C GLY A 220 23.71 24.59 14.69
N HIS A 221 22.98 24.40 13.60
CA HIS A 221 23.15 23.27 12.64
C HIS A 221 22.62 21.91 13.07
N SER A 222 22.72 21.55 14.35
CA SER A 222 22.19 20.27 14.80
C SER A 222 20.74 20.35 15.37
N ASN A 223 20.11 21.52 15.27
CA ASN A 223 18.78 21.73 15.82
C ASN A 223 18.63 21.28 17.27
N THR A 224 19.69 21.48 18.06
CA THR A 224 19.73 20.96 19.43
C THR A 224 18.88 21.77 20.41
N PHE A 225 18.02 21.06 21.14
CA PHE A 225 17.24 21.63 22.22
C PHE A 225 17.96 21.30 23.53
N LEU A 226 18.37 22.34 24.26
CA LEU A 226 18.93 22.23 25.62
C LEU A 226 17.96 22.88 26.61
N TYR A 227 17.82 22.30 27.82
CA TYR A 227 16.90 22.83 28.85
C TYR A 227 17.28 22.39 30.26
N THR A 228 17.01 23.27 31.21
CA THR A 228 17.20 23.01 32.62
C THR A 228 15.81 23.02 33.25
N GLY A 229 15.39 21.87 33.79
CA GLY A 229 14.08 21.72 34.39
C GLY A 229 13.04 21.12 33.45
N ASN A 230 11.77 21.32 33.79
N ASN A 230 11.77 21.35 33.78
CA ASN A 230 10.65 20.71 33.07
CA ASN A 230 10.64 20.76 33.07
C ASN A 230 10.37 21.47 31.76
C ASN A 230 10.40 21.51 31.75
N PRO A 231 10.73 20.88 30.60
CA PRO A 231 10.62 21.61 29.33
C PRO A 231 9.17 21.90 28.93
N PRO A 232 8.93 23.03 28.26
CA PRO A 232 7.57 23.53 28.10
C PRO A 232 6.76 23.01 26.92
N SER A 233 7.37 22.22 26.03
CA SER A 233 6.65 21.68 24.85
C SER A 233 7.01 20.22 24.58
N LYS A 234 6.94 19.79 23.32
CA LYS A 234 7.17 18.40 22.94
C LYS A 234 8.65 18.00 22.75
N GLU A 235 9.55 18.96 22.63
CA GLU A 235 10.96 18.67 22.38
C GLU A 235 11.64 18.18 23.65
N VAL A 236 12.42 17.10 23.49
CA VAL A 236 13.11 16.44 24.58
C VAL A 236 14.54 16.99 24.70
N PRO A 237 14.91 17.54 25.87
CA PRO A 237 16.24 18.09 26.14
C PRO A 237 17.36 17.13 25.80
N ALA A 238 18.37 17.60 25.08
CA ALA A 238 19.61 16.83 24.82
C ALA A 238 20.69 17.05 25.91
N GLY A 239 20.56 18.11 26.69
CA GLY A 239 21.40 18.35 27.85
C GLY A 239 20.82 19.48 28.68
N LYS A 240 21.60 19.98 29.63
CA LYS A 240 21.24 21.18 30.38
C LYS A 240 21.40 22.44 29.49
N TYR A 241 20.70 23.51 29.84
CA TYR A 241 20.98 24.84 29.29
C TYR A 241 21.55 25.69 30.41
N PRO A 242 22.77 26.21 30.26
CA PRO A 242 23.74 25.96 29.20
C PRO A 242 24.37 24.60 29.44
N PHE A 243 24.99 24.04 28.40
CA PHE A 243 25.83 22.84 28.56
C PHE A 243 27.24 23.29 28.94
N ILE A 244 27.78 22.78 30.05
CA ILE A 244 29.09 23.19 30.53
C ILE A 244 30.17 22.24 30.05
N VAL A 245 31.06 22.74 29.19
CA VAL A 245 32.29 22.05 28.83
C VAL A 245 33.38 22.54 29.78
N THR A 246 34.19 21.61 30.26
CA THR A 246 35.41 21.92 30.96
C THR A 246 36.48 22.02 29.90
N SER A 247 37.08 23.19 29.76
CA SER A 247 38.03 23.41 28.67
C SER A 247 39.35 22.75 28.99
N ASP A 248 40.22 22.70 27.98
CA ASP A 248 41.59 22.20 28.13
C ASP A 248 42.48 23.13 28.97
N ASP A 249 42.06 24.39 29.16
CA ASP A 249 42.81 25.32 30.04
C ASP A 249 42.12 25.61 31.42
N GLY A 250 41.30 24.66 31.88
CA GLY A 250 40.73 24.68 33.24
C GLY A 250 39.48 25.55 33.49
N ARG A 251 38.92 26.12 32.43
CA ARG A 251 37.74 27.00 32.54
C ARG A 251 36.45 26.22 32.27
N LYS A 252 35.34 26.82 32.70
CA LYS A 252 34.00 26.29 32.48
C LYS A 252 33.36 27.14 31.41
N VAL A 253 33.22 26.55 30.22
CA VAL A 253 32.67 27.22 29.05
C VAL A 253 31.23 26.79 28.86
N PRO A 254 30.26 27.70 29.03
CA PRO A 254 28.89 27.37 28.67
C PRO A 254 28.66 27.30 27.15
N VAL A 255 27.91 26.28 26.72
CA VAL A 255 27.61 26.02 25.30
C VAL A 255 26.09 26.02 25.14
N VAL A 256 25.57 26.89 24.26
CA VAL A 256 24.11 27.03 24.10
C VAL A 256 23.64 26.84 22.65
N GLN A 257 22.39 26.38 22.52
CA GLN A 257 21.67 26.29 21.24
C GLN A 257 20.17 26.46 21.52
N ALA A 258 19.34 26.74 20.50
CA ALA A 258 17.91 27.01 20.73
C ALA A 258 16.99 26.32 19.71
N TYR A 259 17.20 25.00 19.55
CA TYR A 259 16.37 24.16 18.68
C TYR A 259 16.30 24.70 17.24
N ALA A 260 15.15 25.20 16.79
CA ALA A 260 14.96 25.49 15.36
C ALA A 260 13.61 26.10 15.10
N PHE A 261 13.46 26.66 13.91
CA PHE A 261 12.18 27.07 13.35
C PHE A 261 11.57 28.30 14.02
N GLY A 262 12.37 29.02 14.79
CA GLY A 262 11.92 30.17 15.56
C GLY A 262 10.95 29.85 16.68
N LYS A 263 10.94 28.61 17.17
CA LYS A 263 9.99 28.24 18.20
C LYS A 263 10.43 28.76 19.56
N TYR A 264 11.74 28.87 19.75
CA TYR A 264 12.28 29.39 21.00
C TYR A 264 13.22 30.55 20.72
N LEU A 265 13.29 31.48 21.69
CA LEU A 265 14.39 32.46 21.77
C LEU A 265 15.27 31.97 22.88
N GLY A 266 16.54 31.67 22.58
CA GLY A 266 17.50 31.35 23.62
C GLY A 266 17.70 32.58 24.51
N TYR A 267 17.96 32.33 25.78
CA TYR A 267 18.13 33.40 26.76
C TYR A 267 19.16 32.95 27.77
N LEU A 268 20.38 33.47 27.68
CA LEU A 268 21.47 33.15 28.61
C LEU A 268 22.00 34.41 29.30
N LYS A 269 21.89 34.49 30.62
CA LYS A 269 22.50 35.57 31.43
C LYS A 269 23.87 35.09 31.90
N ILE A 270 24.92 35.78 31.47
CA ILE A 270 26.30 35.51 31.87
C ILE A 270 26.67 36.57 32.88
N GLU A 271 27.33 36.15 33.95
CA GLU A 271 27.96 37.07 34.89
C GLU A 271 29.49 37.04 34.65
N PHE A 272 30.07 38.14 34.17
CA PHE A 272 31.53 38.27 33.97
C PHE A 272 32.18 39.00 35.12
N ASP A 273 33.43 38.67 35.41
CA ASP A 273 34.29 39.49 36.29
C ASP A 273 35.01 40.59 35.49
N GLU A 274 35.68 41.50 36.19
CA GLU A 274 36.39 42.61 35.54
C GLU A 274 37.44 42.22 34.48
N ARG A 275 38.03 41.02 34.62
CA ARG A 275 38.93 40.45 33.58
C ARG A 275 38.24 39.66 32.44
N GLY A 276 36.91 39.58 32.45
CA GLY A 276 36.17 38.87 31.42
C GLY A 276 36.07 37.37 31.58
N ASN A 277 36.39 36.85 32.78
CA ASN A 277 36.12 35.44 33.08
C ASN A 277 34.67 35.29 33.42
N VAL A 278 34.07 34.19 32.98
CA VAL A 278 32.71 33.87 33.32
C VAL A 278 32.69 33.36 34.76
N ILE A 279 31.97 34.06 35.62
CA ILE A 279 31.77 33.66 36.99
C ILE A 279 30.64 32.63 37.03
N SER A 280 29.57 32.91 36.27
CA SER A 280 28.44 32.00 36.18
C SER A 280 27.56 32.35 35.00
N SER A 281 26.58 31.49 34.76
CA SER A 281 25.57 31.74 33.76
C SER A 281 24.32 30.95 34.08
N HIS A 282 23.19 31.43 33.59
CA HIS A 282 21.93 30.69 33.72
C HIS A 282 20.91 31.18 32.72
N GLY A 283 19.93 30.33 32.47
CA GLY A 283 18.82 30.67 31.64
C GLY A 283 18.15 29.45 31.07
N ASN A 284 17.35 29.69 30.03
CA ASN A 284 16.67 28.63 29.27
C ASN A 284 16.17 29.20 27.94
N PRO A 285 15.81 28.32 26.99
CA PRO A 285 15.13 28.87 25.83
C PRO A 285 13.72 29.27 26.25
N ILE A 286 13.24 30.36 25.68
CA ILE A 286 11.93 30.92 25.96
C ILE A 286 11.02 30.43 24.85
N LEU A 287 9.99 29.63 25.19
CA LEU A 287 9.02 29.12 24.21
C LEU A 287 8.17 30.28 23.73
N LEU A 288 8.21 30.56 22.44
CA LEU A 288 7.44 31.65 21.86
C LEU A 288 6.05 31.15 21.49
N ASN A 289 5.23 30.95 22.52
CA ASN A 289 3.83 30.51 22.41
C ASN A 289 2.84 31.70 22.48
N SER A 290 1.59 31.42 22.18
CA SER A 290 0.59 32.46 21.90
C SER A 290 0.25 33.39 23.06
N SER A 291 0.72 33.07 24.26
CA SER A 291 0.75 34.01 25.39
C SER A 291 1.44 35.34 25.04
N ILE A 292 2.55 35.26 24.29
CA ILE A 292 3.29 36.44 23.83
C ILE A 292 2.62 36.99 22.57
N PRO A 293 2.15 38.25 22.61
CA PRO A 293 1.51 38.74 21.37
C PRO A 293 2.52 38.96 20.25
N GLU A 294 2.06 38.80 19.02
CA GLU A 294 2.80 39.27 17.86
C GLU A 294 2.87 40.79 17.88
N ASP A 295 4.03 41.35 17.63
CA ASP A 295 4.15 42.81 17.53
C ASP A 295 3.27 43.32 16.37
N PRO A 296 2.41 44.30 16.63
CA PRO A 296 1.56 44.78 15.51
C PRO A 296 2.29 45.32 14.25
N SER A 297 3.31 46.16 14.43
CA SER A 297 4.11 46.74 13.32
C SER A 297 4.82 45.69 12.46
N ILE A 298 5.52 44.77 13.12
CA ILE A 298 6.21 43.69 12.43
C ILE A 298 5.17 42.82 11.72
N LYS A 299 4.13 42.41 12.45
CA LYS A 299 3.05 41.60 11.89
C LYS A 299 2.48 42.20 10.61
N ALA A 300 2.20 43.51 10.67
CA ALA A 300 1.60 44.24 9.56
C ALA A 300 2.55 44.28 8.38
N ASP A 301 3.84 44.43 8.69
CA ASP A 301 4.86 44.39 7.66
C ASP A 301 4.97 42.97 7.08
N ILE A 302 4.86 41.94 7.93
CA ILE A 302 4.82 40.56 7.43
C ILE A 302 3.63 40.37 6.48
N ASN A 303 2.47 40.89 6.86
CA ASN A 303 1.29 40.80 5.98
C ASN A 303 1.45 41.46 4.60
N LYS A 304 2.25 42.52 4.53
CA LYS A 304 2.53 43.25 3.28
C LYS A 304 3.37 42.36 2.37
N TRP A 305 4.43 41.80 2.94
CA TRP A 305 5.32 40.88 2.22
C TRP A 305 4.57 39.59 1.85
N ARG A 306 3.62 39.21 2.70
CA ARG A 306 2.86 37.97 2.53
C ARG A 306 2.09 37.91 1.21
N ILE A 307 1.59 39.04 0.72
CA ILE A 307 0.65 39.06 -0.41
C ILE A 307 1.22 38.31 -1.64
N LYS A 308 2.49 38.58 -1.98
CA LYS A 308 3.13 37.90 -3.12
C LYS A 308 3.20 36.36 -2.95
N LEU A 309 3.20 35.88 -1.71
CA LEU A 309 3.22 34.45 -1.41
C LEU A 309 1.87 33.75 -1.56
N ASP A 310 0.77 34.51 -1.52
CA ASP A 310 -0.58 33.93 -1.58
C ASP A 310 -0.94 33.22 -2.92
N ASP A 311 -0.14 33.44 -3.98
CA ASP A 311 -0.29 32.70 -5.25
C ASP A 311 0.12 31.21 -5.16
N TYR A 312 0.92 30.89 -4.15
CA TYR A 312 1.30 29.52 -3.83
C TYR A 312 0.29 28.77 -2.91
N SER A 313 -0.77 29.45 -2.47
CA SER A 313 -1.80 28.88 -1.58
C SER A 313 -3.25 29.01 -2.07
N THR A 314 -3.45 29.50 -3.30
CA THR A 314 -4.81 29.66 -3.88
C THR A 314 -5.44 28.32 -4.24
N GLN A 315 -4.63 27.42 -4.80
CA GLN A 315 -5.11 26.17 -5.36
C GLN A 315 -4.91 25.04 -4.37
N GLU A 316 -6.02 24.52 -3.84
CA GLU A 316 -6.04 23.24 -3.14
C GLU A 316 -5.62 22.15 -4.13
N LEU A 317 -4.53 21.45 -3.84
CA LEU A 317 -4.07 20.32 -4.66
C LEU A 317 -4.88 19.09 -4.32
N GLY A 318 -5.05 18.84 -3.04
CA GLY A 318 -5.95 17.80 -2.55
C GLY A 318 -6.08 17.86 -1.05
N LYS A 319 -6.50 16.73 -0.48
N LYS A 319 -6.58 16.77 -0.48
CA LYS A 319 -6.85 16.62 0.92
CA LYS A 319 -6.81 16.67 0.96
C LYS A 319 -6.04 15.48 1.55
C LYS A 319 -6.03 15.50 1.55
N THR A 320 -5.69 15.63 2.83
CA THR A 320 -5.16 14.54 3.63
C THR A 320 -6.14 14.34 4.76
N ILE A 321 -6.51 13.08 5.01
CA ILE A 321 -7.33 12.74 6.15
C ILE A 321 -6.49 12.21 7.31
N VAL A 322 -5.17 12.18 7.13
CA VAL A 322 -4.24 11.86 8.20
C VAL A 322 -3.15 12.91 8.36
N TYR A 323 -2.64 13.03 9.58
CA TYR A 323 -1.45 13.82 9.85
C TYR A 323 -0.34 13.23 9.01
N LEU A 324 0.30 14.08 8.20
CA LEU A 324 1.44 13.65 7.39
C LEU A 324 2.70 13.97 8.16
N ASP A 325 3.25 12.95 8.81
CA ASP A 325 4.34 13.11 9.77
C ASP A 325 5.66 13.20 9.04
N GLY A 326 6.04 14.45 8.79
CA GLY A 326 7.33 14.81 8.23
C GLY A 326 8.27 15.39 9.27
N SER A 327 8.16 14.93 10.52
CA SER A 327 8.98 15.47 11.59
C SER A 327 10.33 14.80 11.55
N SER A 328 11.37 15.61 11.71
CA SER A 328 12.71 15.11 11.99
C SER A 328 12.72 13.89 12.94
N GLN A 329 11.95 13.96 14.01
CA GLN A 329 12.00 12.97 15.10
C GLN A 329 11.39 11.63 14.69
N SER A 330 10.47 11.65 13.72
CA SER A 330 9.95 10.43 13.10
C SER A 330 10.83 9.93 11.96
N CYS A 331 10.96 10.75 10.90
CA CYS A 331 11.61 10.35 9.64
C CYS A 331 13.13 10.10 9.67
N ARG A 332 13.81 10.51 10.73
CA ARG A 332 15.22 10.16 10.92
C ARG A 332 15.44 9.00 11.89
N PHE A 333 14.39 8.58 12.56
CA PHE A 333 14.48 7.50 13.55
C PHE A 333 13.69 6.23 13.25
N ARG A 334 12.64 6.34 12.45
N ARG A 334 12.65 6.33 12.43
CA ARG A 334 11.76 5.20 12.18
CA ARG A 334 11.77 5.20 12.18
C ARG A 334 10.91 5.47 10.95
C ARG A 334 10.95 5.45 10.92
N GLU A 335 10.07 4.50 10.60
CA GLU A 335 9.19 4.62 9.45
C GLU A 335 8.27 5.80 9.67
N CYS A 336 8.12 6.67 8.65
CA CYS A 336 7.27 7.84 8.78
C CYS A 336 6.37 7.89 7.57
N ASN A 337 5.09 8.19 7.81
CA ASN A 337 4.10 8.16 6.74
C ASN A 337 4.29 9.22 5.67
N MET A 338 5.04 10.28 5.95
CA MET A 338 5.41 11.26 4.91
C MET A 338 6.48 10.66 3.98
N GLY A 339 7.40 9.87 4.53
CA GLY A 339 8.35 9.14 3.72
C GLY A 339 7.61 8.23 2.76
N ASN A 340 6.67 7.46 3.30
CA ASN A 340 5.82 6.54 2.52
C ASN A 340 5.06 7.23 1.39
N LEU A 341 4.37 8.32 1.73
CA LEU A 341 3.66 9.17 0.74
C LEU A 341 4.59 9.60 -0.38
N ILE A 342 5.77 10.07 -0.03
CA ILE A 342 6.70 10.58 -1.03
C ILE A 342 7.20 9.47 -1.94
N CYS A 343 7.60 8.34 -1.34
CA CYS A 343 8.11 7.21 -2.11
C CYS A 343 7.05 6.60 -3.03
N ASP A 344 5.83 6.48 -2.52
CA ASP A 344 4.69 5.98 -3.32
C ASP A 344 4.37 6.94 -4.46
N ALA A 345 4.46 8.23 -4.18
CA ALA A 345 4.26 9.25 -5.20
C ALA A 345 5.30 9.07 -6.28
N MET A 346 6.56 8.96 -5.87
CA MET A 346 7.68 8.69 -6.77
C MET A 346 7.40 7.50 -7.66
N ILE A 347 7.05 6.38 -7.05
CA ILE A 347 6.78 5.17 -7.81
C ILE A 347 5.61 5.38 -8.76
N ASN A 348 4.55 5.94 -8.23
CA ASN A 348 3.33 6.10 -8.98
C ASN A 348 3.57 6.96 -10.21
N ASN A 349 4.24 8.09 -10.01
CA ASN A 349 4.43 9.05 -11.08
C ASN A 349 5.32 8.48 -12.17
N ASN A 350 6.37 7.76 -11.79
CA ASN A 350 7.27 7.15 -12.76
C ASN A 350 6.57 6.16 -13.73
N LEU A 351 5.63 5.38 -13.20
CA LEU A 351 4.85 4.41 -14.03
C LEU A 351 3.94 5.02 -15.09
N ARG A 352 3.69 6.34 -15.00
CA ARG A 352 2.96 7.06 -16.06
C ARG A 352 3.80 7.19 -17.34
N HIS A 353 5.11 7.42 -17.19
CA HIS A 353 6.05 7.53 -18.33
C HIS A 353 6.25 6.16 -19.01
N THR A 354 5.24 5.74 -19.77
CA THR A 354 5.22 4.41 -20.41
C THR A 354 6.14 4.34 -21.64
N ASP A 355 6.26 5.46 -22.35
CA ASP A 355 7.27 5.65 -23.41
C ASP A 355 8.65 4.98 -23.13
N GLU A 356 9.21 5.24 -21.95
CA GLU A 356 10.54 4.74 -21.56
C GLU A 356 10.40 3.36 -20.88
N MET A 357 10.65 2.31 -21.65
CA MET A 357 10.28 0.95 -21.24
C MET A 357 11.23 0.30 -20.22
N PHE A 358 12.45 0.82 -20.05
CA PHE A 358 13.39 0.23 -19.09
C PHE A 358 12.94 0.35 -17.63
N TRP A 359 12.29 1.47 -17.30
CA TRP A 359 11.86 1.79 -15.92
C TRP A 359 10.35 1.62 -15.65
N ASN A 360 9.64 0.99 -16.58
CA ASN A 360 8.18 0.95 -16.53
C ASN A 360 7.55 -0.03 -15.53
N HIS A 361 8.35 -0.83 -14.84
CA HIS A 361 7.84 -1.64 -13.73
C HIS A 361 8.54 -1.31 -12.41
N VAL A 362 9.27 -0.19 -12.34
CA VAL A 362 10.05 0.17 -11.14
C VAL A 362 9.10 0.27 -9.98
N SER A 363 9.40 -0.50 -8.94
CA SER A 363 8.55 -0.58 -7.75
C SER A 363 9.29 -0.31 -6.42
N MET A 364 10.60 -0.04 -6.47
CA MET A 364 11.41 0.18 -5.27
C MET A 364 11.88 1.62 -5.15
N CYS A 365 11.85 2.16 -3.94
CA CYS A 365 12.19 3.56 -3.70
C CYS A 365 13.01 3.70 -2.44
N ILE A 366 13.99 4.61 -2.45
CA ILE A 366 14.67 5.04 -1.20
C ILE A 366 14.76 6.56 -1.15
N LEU A 367 14.70 7.10 0.08
CA LEU A 367 14.54 8.53 0.31
C LEU A 367 15.20 8.89 1.62
N ASN A 368 16.15 9.82 1.58
CA ASN A 368 16.80 10.32 2.81
C ASN A 368 15.81 11.05 3.72
N GLY A 369 15.64 10.55 4.94
CA GLY A 369 14.88 11.23 5.99
C GLY A 369 15.13 12.72 6.16
N GLY A 370 16.39 13.13 6.02
CA GLY A 370 16.76 14.55 6.15
C GLY A 370 16.30 15.44 5.01
N GLY A 371 15.81 14.82 3.93
CA GLY A 371 15.27 15.52 2.78
C GLY A 371 13.81 15.93 2.93
N ILE A 372 13.14 15.34 3.92
CA ILE A 372 11.77 15.63 4.32
C ILE A 372 11.85 16.68 5.42
N ARG A 373 11.20 17.80 5.23
CA ARG A 373 11.58 19.03 5.93
C ARG A 373 10.52 19.66 6.79
N SER A 374 9.34 19.07 6.79
CA SER A 374 8.21 19.56 7.55
C SER A 374 7.08 18.55 7.47
N PRO A 375 6.25 18.50 8.52
CA PRO A 375 4.95 17.86 8.41
C PRO A 375 3.93 18.70 7.66
N ILE A 376 2.78 18.07 7.42
CA ILE A 376 1.58 18.78 7.00
C ILE A 376 0.41 18.30 7.89
N ASP A 377 -0.36 19.25 8.40
CA ASP A 377 -1.45 18.98 9.34
C ASP A 377 -2.78 18.65 8.63
N GLU A 378 -3.54 17.72 9.22
CA GLU A 378 -4.78 17.19 8.65
C GLU A 378 -6.05 17.85 9.16
N ARG A 379 -5.94 18.69 10.19
CA ARG A 379 -7.11 19.31 10.79
C ARG A 379 -7.49 20.49 9.93
N ASN A 380 -8.71 20.99 10.11
CA ASN A 380 -9.29 22.03 9.26
C ASN A 380 -9.30 21.56 7.80
N ASP A 381 -10.05 20.48 7.57
CA ASP A 381 -10.20 19.84 6.24
C ASP A 381 -8.91 19.27 5.63
N GLY A 382 -7.80 19.29 6.36
CA GLY A 382 -6.48 18.88 5.83
C GLY A 382 -6.18 19.23 4.37
N THR A 383 -6.41 20.49 4.00
CA THR A 383 -6.03 21.01 2.68
C THR A 383 -4.52 20.91 2.51
N ILE A 384 -4.11 20.63 1.27
CA ILE A 384 -2.72 20.62 0.90
C ILE A 384 -2.51 21.56 -0.29
N THR A 385 -1.79 22.66 -0.06
CA THR A 385 -1.43 23.60 -1.11
C THR A 385 0.02 23.42 -1.54
N TRP A 386 0.37 24.13 -2.61
CA TRP A 386 1.76 24.22 -3.03
C TRP A 386 2.67 24.69 -1.89
N GLU A 387 2.25 25.75 -1.19
CA GLU A 387 2.96 26.27 -0.01
C GLU A 387 3.29 25.18 1.04
N ASN A 388 2.34 24.28 1.29
CA ASN A 388 2.55 23.19 2.25
C ASN A 388 3.59 22.22 1.74
N LEU A 389 3.46 21.83 0.47
CA LEU A 389 4.48 21.01 -0.23
C LEU A 389 5.87 21.60 -0.31
N ALA A 390 5.95 22.90 -0.59
CA ALA A 390 7.23 23.58 -0.70
C ALA A 390 8.06 23.51 0.60
N ALA A 391 7.39 23.43 1.75
CA ALA A 391 8.06 23.29 3.03
C ALA A 391 8.51 21.84 3.28
N VAL A 392 7.81 20.87 2.71
CA VAL A 392 8.24 19.46 2.83
C VAL A 392 9.44 19.21 1.92
N LEU A 393 9.45 19.84 0.75
CA LEU A 393 10.45 19.64 -0.30
C LEU A 393 10.97 20.97 -0.88
N PRO A 394 11.84 21.66 -0.12
CA PRO A 394 12.39 22.97 -0.52
C PRO A 394 13.66 22.95 -1.40
N PHE A 395 14.28 21.76 -1.55
CA PHE A 395 15.59 21.60 -2.22
C PHE A 395 15.58 21.57 -3.76
N GLY A 396 14.41 21.65 -4.40
CA GLY A 396 14.31 21.66 -5.87
C GLY A 396 14.96 20.48 -6.60
N GLY A 397 14.95 19.30 -5.98
CA GLY A 397 15.62 18.13 -6.57
C GLY A 397 14.84 17.41 -7.66
N THR A 398 15.39 16.30 -8.14
CA THR A 398 14.68 15.37 -9.02
C THR A 398 14.60 13.97 -8.41
N PHE A 399 13.61 13.20 -8.87
CA PHE A 399 13.47 11.80 -8.49
C PHE A 399 13.97 10.94 -9.64
N ASP A 400 15.21 10.47 -9.48
CA ASP A 400 15.97 9.78 -10.50
C ASP A 400 15.92 8.28 -10.36
N LEU A 401 16.32 7.62 -11.42
CA LEU A 401 16.19 6.20 -11.57
C LEU A 401 17.60 5.65 -11.68
N VAL A 402 17.89 4.63 -10.86
CA VAL A 402 19.19 3.99 -10.89
C VAL A 402 19.05 2.47 -10.95
N GLN A 403 20.05 1.85 -11.57
CA GLN A 403 20.20 0.42 -11.61
C GLN A 403 21.34 0.13 -10.64
N LEU A 404 21.03 -0.60 -9.56
CA LEU A 404 21.95 -0.90 -8.45
C LEU A 404 22.15 -2.40 -8.23
N LYS A 405 23.38 -2.82 -7.91
CA LYS A 405 23.61 -4.18 -7.40
C LYS A 405 22.98 -4.36 -6.01
N GLY A 406 22.58 -5.59 -5.70
CA GLY A 406 22.06 -5.94 -4.39
C GLY A 406 23.03 -5.54 -3.30
N SER A 407 24.31 -5.80 -3.53
CA SER A 407 25.38 -5.47 -2.59
C SER A 407 25.49 -3.98 -2.31
N THR A 408 25.38 -3.15 -3.36
CA THR A 408 25.44 -1.70 -3.25
C THR A 408 24.30 -1.23 -2.37
N LEU A 409 23.12 -1.78 -2.64
CA LEU A 409 21.90 -1.45 -1.90
C LEU A 409 21.97 -1.89 -0.44
N LYS A 410 22.52 -3.06 -0.20
CA LYS A 410 22.77 -3.57 1.13
C LYS A 410 23.70 -2.62 1.88
N LYS A 411 24.80 -2.22 1.22
CA LYS A 411 25.69 -1.20 1.80
C LYS A 411 24.95 0.10 2.14
N ALA A 412 24.04 0.54 1.28
CA ALA A 412 23.28 1.78 1.53
C ALA A 412 22.42 1.66 2.77
N PHE A 413 21.82 0.48 2.97
CA PHE A 413 20.96 0.24 4.13
C PHE A 413 21.76 0.18 5.42
N GLU A 414 22.99 -0.35 5.37
CA GLU A 414 23.91 -0.23 6.52
C GLU A 414 24.32 1.22 6.79
N HIS A 415 24.63 1.98 5.74
CA HIS A 415 25.01 3.37 5.89
C HIS A 415 23.87 4.17 6.55
N SER A 416 22.64 3.87 6.12
CA SER A 416 21.38 4.39 6.68
C SER A 416 21.26 4.37 8.22
N VAL A 417 21.85 3.36 8.86
CA VAL A 417 21.81 3.24 10.32
C VAL A 417 23.19 3.12 11.00
N HIS A 418 24.26 3.53 10.32
CA HIS A 418 25.63 3.26 10.80
C HIS A 418 26.02 4.04 12.06
N ARG A 419 25.35 5.18 12.26
CA ARG A 419 25.54 6.06 13.44
C ARG A 419 24.16 6.46 13.99
N TYR A 420 23.25 5.51 13.96
CA TYR A 420 21.86 5.71 14.36
C TYR A 420 21.76 6.30 15.75
N GLY A 421 20.81 7.22 15.93
CA GLY A 421 20.54 7.84 17.22
C GLY A 421 20.88 9.31 17.33
N GLN A 422 21.50 9.89 16.30
CA GLN A 422 21.92 11.30 16.32
C GLN A 422 21.12 12.24 15.39
N SER A 423 19.92 11.81 14.99
CA SER A 423 19.02 12.61 14.14
C SER A 423 19.71 13.11 12.88
N THR A 424 20.39 12.21 12.18
CA THR A 424 21.10 12.57 10.96
C THR A 424 20.23 12.13 9.82
N GLY A 425 20.43 12.77 8.68
CA GLY A 425 19.49 12.68 7.55
C GLY A 425 19.63 11.47 6.64
N GLU A 426 20.70 10.68 6.79
CA GLU A 426 20.93 9.50 5.93
C GLU A 426 19.97 8.33 6.16
N PHE A 427 19.21 8.36 7.25
CA PHE A 427 18.21 7.32 7.51
C PHE A 427 17.18 7.26 6.38
N LEU A 428 16.92 6.06 5.85
CA LEU A 428 16.20 5.90 4.61
C LEU A 428 14.75 5.55 4.82
N GLN A 429 13.84 6.37 4.28
CA GLN A 429 12.45 5.99 4.14
C GLN A 429 12.40 5.25 2.83
N VAL A 430 11.38 4.41 2.65
CA VAL A 430 11.38 3.47 1.53
C VAL A 430 10.02 3.18 0.88
N GLY A 431 10.06 2.54 -0.28
CA GLY A 431 8.90 1.87 -0.86
C GLY A 431 9.35 0.60 -1.59
N GLY A 432 8.49 -0.41 -1.63
CA GLY A 432 8.85 -1.69 -2.28
C GLY A 432 9.97 -2.47 -1.59
N ILE A 433 10.25 -2.10 -0.33
CA ILE A 433 11.35 -2.63 0.43
C ILE A 433 10.85 -2.82 1.85
N HIS A 434 11.07 -4.01 2.41
CA HIS A 434 10.87 -4.26 3.84
C HIS A 434 12.23 -4.52 4.45
N VAL A 435 12.68 -3.62 5.31
CA VAL A 435 14.00 -3.74 5.98
C VAL A 435 13.77 -3.93 7.45
N VAL A 436 14.68 -4.70 8.08
CA VAL A 436 14.70 -4.92 9.53
C VAL A 436 16.14 -4.66 10.05
N TYR A 437 16.25 -3.77 11.02
CA TYR A 437 17.54 -3.40 11.63
C TYR A 437 17.61 -3.97 13.04
N ASP A 438 18.78 -4.50 13.43
CA ASP A 438 19.08 -4.87 14.83
C ASP A 438 20.22 -3.96 15.31
N LEU A 439 19.86 -2.94 16.09
CA LEU A 439 20.80 -1.89 16.46
C LEU A 439 21.88 -2.31 17.48
N SER A 440 21.66 -3.42 18.20
CA SER A 440 22.66 -4.04 19.09
C SER A 440 23.87 -4.66 18.36
N ARG A 441 23.77 -4.80 17.04
CA ARG A 441 24.88 -5.28 16.23
C ARG A 441 25.81 -4.14 15.89
N LYS A 442 27.00 -4.49 15.42
CA LYS A 442 28.03 -3.51 15.09
C LYS A 442 27.61 -2.68 13.87
N PRO A 443 28.01 -1.40 13.81
CA PRO A 443 27.79 -0.63 12.58
C PRO A 443 28.30 -1.38 11.37
N GLY A 444 27.59 -1.28 10.26
CA GLY A 444 27.92 -2.04 9.06
C GLY A 444 27.44 -3.49 9.05
N ASP A 445 26.79 -3.94 10.13
CA ASP A 445 26.23 -5.31 10.24
C ASP A 445 24.89 -5.31 11.01
N ARG A 446 24.10 -4.24 10.86
CA ARG A 446 22.81 -4.07 11.56
C ARG A 446 21.57 -4.48 10.75
N VAL A 447 21.74 -4.63 9.44
CA VAL A 447 20.64 -5.06 8.60
C VAL A 447 20.55 -6.59 8.70
N VAL A 448 19.51 -7.07 9.38
CA VAL A 448 19.29 -8.51 9.55
C VAL A 448 18.24 -9.10 8.60
N LYS A 449 17.39 -8.25 7.99
CA LYS A 449 16.43 -8.71 6.98
C LYS A 449 16.20 -7.61 5.94
N LEU A 450 16.26 -7.97 4.66
CA LEU A 450 16.08 -7.02 3.57
C LEU A 450 15.36 -7.66 2.36
N ASP A 451 14.05 -7.50 2.34
CA ASP A 451 13.16 -8.06 1.34
C ASP A 451 12.70 -6.95 0.41
N VAL A 452 12.75 -7.18 -0.89
CA VAL A 452 12.36 -6.19 -1.88
C VAL A 452 11.36 -6.82 -2.83
N LEU A 453 10.50 -6.02 -3.45
CA LEU A 453 9.53 -6.53 -4.45
C LEU A 453 10.29 -7.08 -5.62
N CYS A 454 9.93 -8.29 -6.05
CA CYS A 454 10.54 -8.89 -7.25
C CYS A 454 10.08 -8.17 -8.52
N THR A 455 10.91 -8.24 -9.55
CA THR A 455 10.58 -7.71 -10.89
C THR A 455 10.36 -8.83 -11.91
N LYS A 456 11.21 -9.87 -11.87
CA LYS A 456 11.10 -11.01 -12.81
C LYS A 456 9.76 -11.78 -12.71
N CYS A 457 9.10 -11.69 -11.56
CA CYS A 457 7.82 -12.34 -11.25
C CYS A 457 6.56 -11.68 -11.87
N ARG A 458 5.54 -12.49 -12.13
CA ARG A 458 4.25 -12.00 -12.65
C ARG A 458 3.39 -11.30 -11.61
N VAL A 459 3.45 -11.78 -10.36
CA VAL A 459 2.76 -11.17 -9.21
C VAL A 459 3.85 -10.61 -8.30
N PRO A 460 3.84 -9.32 -8.00
CA PRO A 460 4.90 -8.81 -7.10
C PRO A 460 4.79 -9.33 -5.67
N SER A 461 5.91 -9.79 -5.11
CA SER A 461 5.99 -10.18 -3.69
C SER A 461 7.38 -9.85 -3.13
N TYR A 462 7.45 -9.72 -1.81
CA TYR A 462 8.69 -9.32 -1.15
C TYR A 462 9.52 -10.56 -0.96
N ASP A 463 10.62 -10.65 -1.69
CA ASP A 463 11.55 -11.75 -1.61
C ASP A 463 12.89 -11.21 -1.10
N PRO A 464 13.71 -12.07 -0.46
CA PRO A 464 15.02 -11.57 0.02
C PRO A 464 15.88 -10.99 -1.08
N LEU A 465 16.52 -9.88 -0.79
CA LEU A 465 17.43 -9.26 -1.71
C LEU A 465 18.61 -10.19 -1.84
N LYS A 466 19.06 -10.40 -3.08
CA LYS A 466 20.23 -11.22 -3.36
C LYS A 466 21.35 -10.26 -3.78
N MET A 467 22.55 -10.51 -3.26
CA MET A 467 23.66 -9.56 -3.39
C MET A 467 24.26 -9.45 -4.80
N ASP A 468 24.16 -10.51 -5.61
CA ASP A 468 24.63 -10.45 -7.02
C ASP A 468 23.53 -10.12 -8.04
N GLU A 469 22.29 -9.89 -7.58
CA GLU A 469 21.19 -9.45 -8.43
C GLU A 469 21.23 -7.92 -8.59
N VAL A 470 20.49 -7.44 -9.58
CA VAL A 470 20.45 -6.03 -9.96
C VAL A 470 19.00 -5.57 -9.84
N TYR A 471 18.82 -4.38 -9.27
CA TYR A 471 17.51 -3.83 -8.94
C TYR A 471 17.40 -2.42 -9.47
N LYS A 472 16.20 -2.03 -9.87
CA LYS A 472 15.95 -0.68 -10.40
C LYS A 472 15.22 0.08 -9.34
N VAL A 473 15.66 1.32 -9.07
CA VAL A 473 15.27 2.04 -7.87
C VAL A 473 15.06 3.52 -8.17
N ILE A 474 13.97 4.09 -7.65
CA ILE A 474 13.72 5.53 -7.72
C ILE A 474 14.15 6.23 -6.41
N LEU A 475 14.92 7.30 -6.53
CA LEU A 475 15.52 7.97 -5.38
C LEU A 475 15.84 9.39 -5.77
N PRO A 476 16.06 10.27 -4.77
CA PRO A 476 16.46 11.65 -5.10
C PRO A 476 17.82 11.68 -5.75
N ASN A 477 18.01 12.61 -6.70
CA ASN A 477 19.33 12.77 -7.36
C ASN A 477 20.47 13.08 -6.39
N PHE A 478 20.14 13.75 -5.28
CA PHE A 478 21.02 13.93 -4.14
C PHE A 478 21.65 12.60 -3.74
N LEU A 479 20.86 11.56 -3.61
CA LEU A 479 21.42 10.23 -3.32
C LEU A 479 22.19 9.65 -4.50
N ALA A 480 21.64 9.80 -5.71
CA ALA A 480 22.29 9.30 -6.93
C ALA A 480 23.72 9.84 -7.13
N ASN A 481 23.91 11.12 -6.75
CA ASN A 481 25.21 11.81 -6.83
C ASN A 481 26.05 11.72 -5.54
N GLY A 482 25.73 10.77 -4.66
CA GLY A 482 26.57 10.44 -3.50
C GLY A 482 26.35 11.24 -2.23
N GLY A 483 25.25 11.99 -2.16
CA GLY A 483 24.98 12.84 -1.00
C GLY A 483 24.67 12.02 0.24
N ASP A 484 24.71 12.68 1.40
CA ASP A 484 24.54 12.02 2.71
C ASP A 484 25.51 10.86 2.84
N GLY A 485 26.72 11.05 2.31
CA GLY A 485 27.76 10.02 2.32
C GLY A 485 27.43 8.67 1.72
N PHE A 486 26.44 8.61 0.81
CA PHE A 486 26.12 7.39 0.06
C PHE A 486 27.03 7.25 -1.17
N GLN A 487 28.34 7.24 -0.93
CA GLN A 487 29.35 7.17 -1.99
C GLN A 487 29.18 5.91 -2.86
N MET A 488 28.83 4.79 -2.23
CA MET A 488 28.62 3.53 -2.94
C MET A 488 27.57 3.68 -4.06
N ILE A 489 26.50 4.42 -3.81
CA ILE A 489 25.50 4.63 -4.85
C ILE A 489 26.17 5.26 -6.06
N LYS A 490 26.85 6.39 -5.85
CA LYS A 490 27.58 7.12 -6.92
C LYS A 490 28.65 6.29 -7.64
N ASP A 491 29.50 5.65 -6.87
CA ASP A 491 30.61 4.89 -7.44
C ASP A 491 30.15 3.58 -8.09
N GLU A 492 29.17 2.90 -7.51
CA GLU A 492 28.78 1.54 -7.95
C GLU A 492 27.52 1.43 -8.83
N LEU A 493 26.75 2.50 -9.01
CA LEU A 493 25.53 2.37 -9.83
C LEU A 493 25.90 1.98 -11.25
N LEU A 494 24.96 1.33 -11.92
CA LEU A 494 25.14 0.80 -13.28
C LEU A 494 24.49 1.64 -14.40
N ARG A 495 23.59 2.53 -14.01
CA ARG A 495 22.85 3.43 -14.90
C ARG A 495 22.19 4.46 -14.01
N HIS A 496 22.18 5.71 -14.46
CA HIS A 496 21.51 6.79 -13.74
C HIS A 496 20.77 7.65 -14.76
N ASP A 497 19.45 7.77 -14.60
CA ASP A 497 18.60 8.59 -15.47
C ASP A 497 17.94 9.70 -14.66
N SER A 498 17.95 10.92 -15.19
CA SER A 498 17.17 12.03 -14.64
C SER A 498 15.70 11.69 -14.74
N GLY A 499 14.96 12.01 -13.69
CA GLY A 499 13.51 11.90 -13.74
C GLY A 499 12.92 13.25 -13.44
N ASP A 500 11.69 13.22 -12.93
CA ASP A 500 10.89 14.43 -12.72
C ASP A 500 11.20 15.19 -11.44
N GLN A 501 10.76 16.46 -11.44
CA GLN A 501 11.06 17.41 -10.36
C GLN A 501 10.27 16.96 -9.16
N ASP A 502 10.91 17.02 -7.99
CA ASP A 502 10.41 16.36 -6.79
C ASP A 502 9.01 16.80 -6.34
N ILE A 503 8.83 18.10 -6.24
CA ILE A 503 7.57 18.71 -5.78
C ILE A 503 6.44 18.59 -6.82
N ASN A 504 6.74 18.66 -8.12
CA ASN A 504 5.73 18.38 -9.14
C ASN A 504 5.24 16.91 -9.04
N VAL A 505 6.17 15.97 -8.83
CA VAL A 505 5.83 14.56 -8.65
C VAL A 505 4.77 14.36 -7.58
N VAL A 506 4.98 14.99 -6.42
CA VAL A 506 4.12 14.76 -5.26
C VAL A 506 2.79 15.50 -5.38
N SER A 507 2.81 16.69 -5.95
CA SER A 507 1.56 17.44 -6.18
C SER A 507 0.73 16.67 -7.19
N THR A 508 1.38 16.16 -8.25
CA THR A 508 0.72 15.33 -9.28
C THR A 508 0.03 14.10 -8.67
N TYR A 509 0.68 13.48 -7.69
CA TYR A 509 0.11 12.35 -6.96
C TYR A 509 -1.12 12.78 -6.18
N ILE A 510 -0.97 13.85 -5.41
CA ILE A 510 -2.06 14.34 -4.57
C ILE A 510 -3.27 14.75 -5.40
N SER A 511 -3.05 15.48 -6.48
CA SER A 511 -4.14 15.89 -7.39
C SER A 511 -4.86 14.68 -7.95
N LYS A 512 -4.10 13.68 -8.38
CA LYS A 512 -4.67 12.44 -8.92
C LYS A 512 -5.51 11.70 -7.87
N MET A 513 -4.93 11.50 -6.69
CA MET A 513 -5.57 10.74 -5.60
C MET A 513 -6.75 11.44 -4.95
N LYS A 514 -6.70 12.78 -4.90
CA LYS A 514 -7.74 13.64 -4.29
C LYS A 514 -7.71 13.59 -2.76
N VAL A 515 -7.88 12.39 -2.20
CA VAL A 515 -7.78 12.17 -0.75
C VAL A 515 -6.64 11.18 -0.49
N ILE A 516 -5.69 11.59 0.36
CA ILE A 516 -4.57 10.74 0.73
C ILE A 516 -4.62 10.34 2.22
N TYR A 517 -4.00 9.21 2.52
CA TYR A 517 -4.08 8.58 3.84
C TYR A 517 -2.96 7.58 4.12
N PRO A 518 -1.69 7.95 3.85
CA PRO A 518 -0.57 7.05 4.04
C PRO A 518 -0.44 6.58 5.49
N ALA A 519 -0.02 5.32 5.64
CA ALA A 519 0.06 4.68 6.93
C ALA A 519 1.50 4.32 7.20
N VAL A 520 1.79 4.07 8.48
CA VAL A 520 3.04 3.41 8.88
C VAL A 520 2.68 1.93 8.82
N GLU A 521 3.25 1.24 7.83
CA GLU A 521 2.84 -0.12 7.46
C GLU A 521 3.76 -1.25 7.92
N GLY A 522 4.95 -0.95 8.39
CA GLY A 522 5.93 -1.99 8.73
C GLY A 522 7.04 -2.17 7.71
N ARG A 523 7.27 -1.15 6.90
CA ARG A 523 8.33 -1.17 5.90
C ARG A 523 9.71 -1.14 6.53
N ILE A 524 9.83 -0.50 7.69
CA ILE A 524 11.06 -0.41 8.44
C ILE A 524 10.76 -0.92 9.83
N LYS A 525 11.49 -1.95 10.27
CA LYS A 525 11.27 -2.53 11.61
C LYS A 525 12.59 -2.67 12.36
N PHE A 526 12.50 -2.70 13.70
CA PHE A 526 13.65 -2.95 14.56
C PHE A 526 13.38 -4.24 15.35
N SER A 527 14.33 -5.17 15.35
CA SER A 527 14.19 -6.43 16.10
C SER A 527 15.19 -6.51 17.23
N HIS A 528 14.90 -7.42 18.16
CA HIS A 528 15.86 -7.90 19.16
C HIS A 528 15.70 -9.44 19.20
N HIS A 529 16.78 -10.18 18.89
CA HIS A 529 16.75 -11.65 18.88
C HIS A 529 18.04 -12.20 19.46
N SER B 3 -22.16 -61.41 -22.95
CA SER B 3 -22.53 -60.02 -23.39
C SER B 3 -21.70 -58.91 -22.69
N MET B 4 -21.15 -58.01 -23.51
CA MET B 4 -20.54 -56.76 -23.06
C MET B 4 -21.14 -55.60 -23.85
N TRP B 5 -21.45 -54.53 -23.14
CA TRP B 5 -22.05 -53.34 -23.73
C TRP B 5 -21.24 -52.11 -23.30
N GLU B 6 -20.58 -51.46 -24.24
CA GLU B 6 -19.73 -50.31 -23.92
C GLU B 6 -20.49 -48.97 -24.05
N LEU B 7 -20.37 -48.13 -23.02
CA LEU B 7 -20.91 -46.77 -23.01
C LEU B 7 -19.76 -45.81 -22.77
N THR B 8 -19.74 -44.71 -23.54
CA THR B 8 -18.80 -43.62 -23.34
C THR B 8 -19.58 -42.42 -22.76
N ILE B 9 -19.21 -42.02 -21.54
CA ILE B 9 -19.81 -40.88 -20.88
C ILE B 9 -18.88 -39.70 -21.12
N LEU B 10 -19.40 -38.67 -21.79
CA LEU B 10 -18.70 -37.42 -21.97
C LEU B 10 -19.38 -36.45 -21.04
N HIS B 11 -18.60 -35.68 -20.27
CA HIS B 11 -19.17 -34.82 -19.26
C HIS B 11 -18.48 -33.49 -18.99
N THR B 12 -19.30 -32.50 -18.64
CA THR B 12 -18.82 -31.20 -18.26
C THR B 12 -19.50 -30.83 -16.98
N ASN B 13 -18.87 -29.98 -16.20
CA ASN B 13 -19.47 -29.43 -15.02
C ASN B 13 -18.83 -28.08 -14.72
N ASP B 14 -19.57 -27.20 -14.05
CA ASP B 14 -19.03 -25.91 -13.68
C ASP B 14 -18.38 -25.14 -14.82
N VAL B 15 -19.00 -25.19 -15.98
CA VAL B 15 -18.54 -24.42 -17.13
C VAL B 15 -18.57 -22.94 -16.80
N HIS B 16 -19.57 -22.51 -16.02
CA HIS B 16 -19.69 -21.13 -15.53
C HIS B 16 -19.59 -20.07 -16.62
N SER B 17 -20.47 -20.20 -17.62
CA SER B 17 -20.62 -19.20 -18.69
C SER B 17 -19.37 -18.92 -19.51
N ARG B 18 -18.45 -19.90 -19.57
CA ARG B 18 -17.29 -19.79 -20.44
C ARG B 18 -17.71 -20.32 -21.83
N LEU B 19 -18.59 -19.57 -22.51
CA LEU B 19 -19.11 -19.92 -23.84
C LEU B 19 -17.99 -19.81 -24.84
N GLU B 20 -17.24 -18.74 -24.75
CA GLU B 20 -16.09 -18.54 -25.61
C GLU B 20 -14.85 -19.22 -25.06
N GLN B 21 -13.91 -19.51 -25.93
CA GLN B 21 -12.60 -20.02 -25.49
C GLN B 21 -11.94 -18.98 -24.60
N THR B 22 -11.04 -19.46 -23.74
CA THR B 22 -10.48 -18.70 -22.64
C THR B 22 -8.98 -18.88 -22.60
N SER B 23 -8.32 -17.98 -21.87
CA SER B 23 -6.93 -18.22 -21.48
C SER B 23 -6.79 -19.51 -20.64
N GLU B 24 -5.57 -19.99 -20.46
CA GLU B 24 -5.30 -21.20 -19.65
C GLU B 24 -5.90 -21.11 -18.24
N ASP B 25 -5.82 -19.91 -17.66
CA ASP B 25 -6.31 -19.62 -16.33
C ASP B 25 -7.82 -19.31 -16.25
N SER B 26 -8.57 -19.48 -17.35
CA SER B 26 -10.02 -19.25 -17.41
C SER B 26 -10.46 -17.80 -17.69
N SER B 27 -9.54 -16.85 -17.71
CA SER B 27 -9.89 -15.44 -18.01
C SER B 27 -10.08 -15.26 -19.52
N LYS B 28 -10.39 -14.04 -19.93
CA LYS B 28 -10.61 -13.75 -21.35
C LYS B 28 -9.46 -14.23 -22.23
N CYS B 29 -9.80 -14.83 -23.36
CA CYS B 29 -8.83 -15.16 -24.40
C CYS B 29 -8.27 -13.91 -25.06
N VAL B 30 -6.94 -13.84 -25.18
CA VAL B 30 -6.23 -12.72 -25.83
C VAL B 30 -5.25 -13.20 -26.92
N ASP B 31 -4.40 -14.16 -26.54
CA ASP B 31 -3.51 -14.86 -27.45
C ASP B 31 -4.23 -16.17 -27.89
N ALA B 32 -4.86 -16.12 -29.05
CA ALA B 32 -5.70 -17.22 -29.55
C ALA B 32 -4.96 -18.53 -29.77
N SER B 33 -3.67 -18.45 -30.07
CA SER B 33 -2.83 -19.64 -30.22
C SER B 33 -2.75 -20.50 -28.95
N ARG B 34 -2.85 -19.88 -27.76
CA ARG B 34 -2.74 -20.61 -26.50
C ARG B 34 -4.08 -20.83 -25.77
N CYS B 35 -5.19 -20.41 -26.38
CA CYS B 35 -6.51 -20.45 -25.72
C CYS B 35 -7.10 -21.87 -25.72
N MET B 36 -8.14 -22.03 -24.90
CA MET B 36 -8.69 -23.33 -24.50
C MET B 36 -10.18 -23.26 -24.19
N GLY B 37 -10.88 -24.40 -24.29
CA GLY B 37 -12.29 -24.45 -23.93
C GLY B 37 -13.19 -23.78 -24.96
N GLY B 38 -14.35 -23.30 -24.49
CA GLY B 38 -15.37 -22.72 -25.36
C GLY B 38 -16.22 -23.82 -25.98
N VAL B 39 -17.49 -23.53 -26.22
CA VAL B 39 -18.40 -24.49 -26.82
C VAL B 39 -18.06 -24.88 -28.25
N ALA B 40 -17.44 -24.01 -29.02
CA ALA B 40 -17.08 -24.34 -30.40
C ALA B 40 -16.02 -25.44 -30.48
N ARG B 41 -14.99 -25.31 -29.63
CA ARG B 41 -13.97 -26.35 -29.50
C ARG B 41 -14.56 -27.65 -28.93
N LEU B 42 -15.41 -27.54 -27.91
CA LEU B 42 -16.02 -28.69 -27.27
C LEU B 42 -16.83 -29.49 -28.31
N PHE B 43 -17.60 -28.79 -29.13
CA PHE B 43 -18.32 -29.41 -30.25
C PHE B 43 -17.42 -30.27 -31.15
N THR B 44 -16.26 -29.73 -31.55
CA THR B 44 -15.35 -30.50 -32.39
C THR B 44 -14.95 -31.84 -31.75
N LYS B 45 -14.62 -31.82 -30.47
CA LYS B 45 -14.17 -33.02 -29.78
C LYS B 45 -15.31 -34.01 -29.49
N VAL B 46 -16.47 -33.50 -29.08
CA VAL B 46 -17.66 -34.34 -28.91
C VAL B 46 -17.93 -35.11 -30.21
N GLN B 47 -17.94 -34.42 -31.35
N GLN B 47 -17.89 -34.37 -31.31
CA GLN B 47 -18.26 -35.05 -32.64
CA GLN B 47 -18.12 -34.90 -32.66
C GLN B 47 -17.23 -36.10 -33.06
C GLN B 47 -17.15 -36.01 -33.06
N GLN B 48 -15.96 -35.85 -32.75
N GLN B 48 -15.86 -35.84 -32.74
CA GLN B 48 -14.88 -36.81 -32.98
CA GLN B 48 -14.85 -36.86 -33.01
C GLN B 48 -15.10 -38.12 -32.24
C GLN B 48 -15.11 -38.15 -32.24
N ILE B 49 -15.66 -38.02 -31.04
CA ILE B 49 -15.95 -39.20 -30.19
C ILE B 49 -17.23 -39.91 -30.63
N ARG B 50 -18.27 -39.14 -30.98
CA ARG B 50 -19.53 -39.69 -31.50
C ARG B 50 -19.36 -40.49 -32.79
N ARG B 51 -18.38 -40.12 -33.60
CA ARG B 51 -18.07 -40.82 -34.85
C ARG B 51 -17.23 -42.09 -34.65
N ALA B 52 -16.49 -42.17 -33.54
CA ALA B 52 -15.69 -43.33 -33.17
C ALA B 52 -16.45 -44.32 -32.27
N GLU B 53 -17.32 -43.80 -31.41
CA GLU B 53 -18.01 -44.57 -30.37
C GLU B 53 -19.53 -44.58 -30.63
N PRO B 54 -20.13 -45.78 -30.77
CA PRO B 54 -21.57 -45.80 -31.07
C PRO B 54 -22.47 -45.38 -29.90
N ASN B 55 -22.17 -45.85 -28.68
CA ASN B 55 -23.00 -45.56 -27.51
C ASN B 55 -22.43 -44.43 -26.64
N VAL B 56 -22.97 -43.22 -26.78
CA VAL B 56 -22.40 -41.99 -26.18
C VAL B 56 -23.49 -41.17 -25.50
N LEU B 57 -23.18 -40.74 -24.27
CA LEU B 57 -23.96 -39.76 -23.53
C LEU B 57 -23.09 -38.56 -23.21
N LEU B 58 -23.58 -37.35 -23.51
CA LEU B 58 -22.93 -36.07 -23.14
C LEU B 58 -23.74 -35.51 -22.00
N LEU B 59 -23.12 -35.35 -20.83
CA LEU B 59 -23.82 -34.94 -19.62
C LEU B 59 -23.21 -33.65 -19.05
N ASP B 60 -24.04 -32.81 -18.43
CA ASP B 60 -23.57 -31.67 -17.68
C ASP B 60 -24.03 -31.81 -16.23
N ALA B 61 -23.12 -31.55 -15.28
CA ALA B 61 -23.45 -31.66 -13.82
C ALA B 61 -23.72 -30.31 -13.15
N GLY B 62 -24.08 -29.28 -13.92
CA GLY B 62 -24.61 -28.02 -13.36
C GLY B 62 -23.63 -26.86 -13.36
N ASP B 63 -24.12 -25.71 -12.93
CA ASP B 63 -23.33 -24.47 -12.91
C ASP B 63 -22.86 -24.05 -14.34
N GLN B 64 -23.74 -24.19 -15.33
CA GLN B 64 -23.58 -23.54 -16.62
C GLN B 64 -23.82 -22.04 -16.44
N TYR B 65 -24.88 -21.72 -15.68
CA TYR B 65 -25.22 -20.35 -15.29
C TYR B 65 -24.10 -19.64 -14.49
N GLN B 66 -23.94 -18.34 -14.76
N GLN B 66 -23.92 -18.35 -14.80
CA GLN B 66 -23.13 -17.37 -13.98
CA GLN B 66 -23.13 -17.39 -14.02
C GLN B 66 -21.62 -17.52 -14.23
C GLN B 66 -21.63 -17.52 -14.24
N GLY B 67 -20.97 -16.40 -14.55
CA GLY B 67 -19.51 -16.37 -14.68
C GLY B 67 -18.91 -15.29 -15.54
N THR B 68 -19.60 -14.94 -16.64
CA THR B 68 -19.11 -13.97 -17.61
C THR B 68 -20.28 -13.10 -18.07
N ILE B 69 -19.94 -12.04 -18.85
CA ILE B 69 -20.95 -11.19 -19.48
C ILE B 69 -21.92 -11.94 -20.40
N TRP B 70 -21.62 -13.18 -20.76
CA TRP B 70 -22.60 -14.00 -21.47
C TRP B 70 -23.89 -14.17 -20.67
N PHE B 71 -23.74 -14.41 -19.38
CA PHE B 71 -24.88 -14.62 -18.50
C PHE B 71 -25.53 -13.30 -18.08
N THR B 72 -24.72 -12.27 -17.86
CA THR B 72 -25.27 -10.94 -17.61
C THR B 72 -26.22 -10.50 -18.73
N VAL B 73 -25.81 -10.70 -19.98
CA VAL B 73 -26.55 -10.22 -21.13
C VAL B 73 -27.71 -11.16 -21.49
N TYR B 74 -27.39 -12.44 -21.71
CA TYR B 74 -28.37 -13.39 -22.24
C TYR B 74 -29.12 -14.22 -21.19
N LYS B 75 -28.67 -14.13 -19.93
CA LYS B 75 -29.43 -14.59 -18.77
C LYS B 75 -29.86 -16.08 -18.81
N GLY B 76 -29.02 -16.92 -19.42
CA GLY B 76 -29.29 -18.37 -19.54
C GLY B 76 -29.74 -18.83 -20.91
N ALA B 77 -30.14 -17.90 -21.78
CA ALA B 77 -30.57 -18.23 -23.13
C ALA B 77 -29.39 -18.79 -23.92
N GLU B 78 -28.21 -18.24 -23.67
CA GLU B 78 -26.98 -18.76 -24.26
C GLU B 78 -26.72 -20.21 -23.88
N VAL B 79 -27.13 -20.60 -22.68
CA VAL B 79 -26.88 -21.95 -22.20
C VAL B 79 -27.76 -22.94 -22.92
N ALA B 80 -29.06 -22.65 -22.91
CA ALA B 80 -30.02 -23.47 -23.64
C ALA B 80 -29.57 -23.62 -25.08
N HIS B 81 -29.26 -22.49 -25.72
CA HIS B 81 -28.95 -22.47 -27.16
C HIS B 81 -27.74 -23.33 -27.52
N PHE B 82 -26.61 -23.07 -26.87
CA PHE B 82 -25.37 -23.76 -27.22
C PHE B 82 -25.31 -25.16 -26.64
N MET B 83 -26.00 -25.43 -25.54
CA MET B 83 -26.13 -26.82 -25.05
C MET B 83 -27.00 -27.61 -26.01
N ASN B 84 -28.00 -26.95 -26.60
CA ASN B 84 -28.83 -27.60 -27.62
C ASN B 84 -28.07 -27.92 -28.89
N ALA B 85 -27.18 -27.03 -29.29
CA ALA B 85 -26.35 -27.22 -30.49
C ALA B 85 -25.31 -28.34 -30.29
N LEU B 86 -24.80 -28.47 -29.07
CA LEU B 86 -23.89 -29.58 -28.73
C LEU B 86 -24.63 -30.92 -28.52
N ARG B 87 -25.95 -30.84 -28.40
CA ARG B 87 -26.86 -31.97 -28.28
C ARG B 87 -26.54 -32.73 -27.00
N TYR B 88 -26.54 -32.01 -25.88
CA TYR B 88 -26.41 -32.64 -24.56
C TYR B 88 -27.57 -33.61 -24.36
N ASP B 89 -27.27 -34.71 -23.70
CA ASP B 89 -28.27 -35.72 -23.43
C ASP B 89 -29.05 -35.43 -22.15
N ALA B 90 -28.39 -34.84 -21.16
CA ALA B 90 -29.04 -34.48 -19.91
C ALA B 90 -28.19 -33.55 -19.11
N MET B 91 -28.84 -32.88 -18.18
CA MET B 91 -28.15 -31.95 -17.32
C MET B 91 -28.71 -32.05 -15.92
N ALA B 92 -27.82 -32.03 -14.92
CA ALA B 92 -28.24 -31.89 -13.54
C ALA B 92 -28.22 -30.43 -13.14
N LEU B 93 -29.19 -30.00 -12.34
CA LEU B 93 -29.29 -28.63 -11.88
C LEU B 93 -28.24 -28.34 -10.83
N GLY B 94 -27.56 -27.20 -10.98
CA GLY B 94 -26.56 -26.76 -10.02
C GLY B 94 -27.06 -25.58 -9.25
N ASN B 95 -26.33 -25.19 -8.21
CA ASN B 95 -26.71 -24.06 -7.37
C ASN B 95 -26.83 -22.76 -8.15
N HIS B 96 -25.93 -22.54 -9.11
CA HIS B 96 -25.96 -21.27 -9.91
C HIS B 96 -27.12 -21.17 -10.90
N GLU B 97 -27.75 -22.30 -11.22
CA GLU B 97 -28.96 -22.30 -12.02
C GLU B 97 -30.13 -21.58 -11.34
N PHE B 98 -30.01 -21.29 -10.04
CA PHE B 98 -30.99 -20.50 -9.29
C PHE B 98 -30.61 -19.04 -9.02
N ASP B 99 -29.55 -18.55 -9.66
CA ASP B 99 -29.04 -17.18 -9.37
C ASP B 99 -30.02 -16.06 -9.71
N ASN B 100 -30.79 -16.22 -10.78
CA ASN B 100 -31.86 -15.28 -11.10
C ASN B 100 -33.23 -15.80 -10.66
N GLY B 101 -33.28 -16.48 -9.51
CA GLY B 101 -34.54 -17.04 -9.02
C GLY B 101 -35.08 -18.21 -9.84
N VAL B 102 -36.27 -18.66 -9.49
CA VAL B 102 -36.91 -19.80 -10.16
C VAL B 102 -37.41 -19.42 -11.56
N GLU B 103 -37.95 -18.21 -11.71
CA GLU B 103 -38.36 -17.70 -13.03
C GLU B 103 -37.16 -17.58 -13.98
N GLY B 104 -36.00 -17.16 -13.45
CA GLY B 104 -34.73 -17.18 -14.19
C GLY B 104 -34.21 -18.56 -14.56
N LEU B 105 -34.68 -19.58 -13.86
CA LEU B 105 -34.44 -20.97 -14.26
C LEU B 105 -35.50 -21.40 -15.29
N ILE B 106 -36.76 -21.22 -14.93
CA ILE B 106 -37.90 -21.71 -15.75
C ILE B 106 -37.89 -21.17 -17.16
N GLU B 107 -37.97 -19.84 -17.29
CA GLU B 107 -38.34 -19.22 -18.56
C GLU B 107 -37.25 -19.30 -19.62
N PRO B 108 -35.97 -19.09 -19.24
CA PRO B 108 -34.93 -19.29 -20.25
C PRO B 108 -34.53 -20.76 -20.39
N LEU B 109 -33.99 -21.39 -19.33
CA LEU B 109 -33.39 -22.71 -19.50
C LEU B 109 -34.39 -23.88 -19.61
N LEU B 110 -35.33 -24.00 -18.68
CA LEU B 110 -36.19 -25.20 -18.64
C LEU B 110 -37.18 -25.30 -19.81
N LYS B 111 -37.71 -24.16 -20.24
CA LYS B 111 -38.62 -24.10 -21.38
C LYS B 111 -37.94 -24.13 -22.78
N GLU B 112 -36.66 -23.80 -22.86
N GLU B 112 -36.66 -23.77 -22.84
CA GLU B 112 -35.92 -23.85 -24.13
CA GLU B 112 -35.89 -23.78 -24.11
C GLU B 112 -35.00 -25.06 -24.29
C GLU B 112 -34.97 -25.02 -24.27
N ALA B 113 -34.65 -25.72 -23.19
CA ALA B 113 -33.75 -26.90 -23.29
C ALA B 113 -34.44 -28.05 -24.03
N LYS B 114 -33.74 -28.65 -24.98
CA LYS B 114 -34.27 -29.80 -25.73
C LYS B 114 -33.77 -31.13 -25.14
N PHE B 115 -33.18 -31.07 -23.95
CA PHE B 115 -32.74 -32.25 -23.19
C PHE B 115 -33.35 -32.21 -21.81
N PRO B 116 -33.51 -33.37 -21.14
CA PRO B 116 -34.04 -33.39 -19.79
C PRO B 116 -33.09 -32.70 -18.82
N ILE B 117 -33.64 -31.96 -17.85
CA ILE B 117 -32.89 -31.32 -16.79
C ILE B 117 -33.37 -31.95 -15.51
N LEU B 118 -32.43 -32.33 -14.64
CA LEU B 118 -32.66 -33.31 -13.60
C LEU B 118 -32.25 -32.89 -12.19
N SER B 119 -33.08 -33.22 -11.22
CA SER B 119 -32.70 -33.22 -9.80
C SER B 119 -33.79 -33.96 -9.00
N ALA B 120 -33.37 -34.97 -8.23
CA ALA B 120 -34.29 -35.80 -7.45
C ALA B 120 -34.51 -35.31 -6.03
N ASN B 121 -33.62 -34.47 -5.51
CA ASN B 121 -33.76 -33.98 -4.14
C ASN B 121 -34.31 -32.57 -3.99
N ILE B 122 -34.69 -31.95 -5.11
CA ILE B 122 -35.41 -30.67 -5.09
C ILE B 122 -36.90 -30.95 -5.15
N LYS B 123 -37.61 -30.61 -4.07
CA LYS B 123 -39.06 -30.80 -3.99
C LYS B 123 -39.78 -29.46 -3.97
N ALA B 124 -40.75 -29.31 -4.88
CA ALA B 124 -41.55 -28.10 -5.03
C ALA B 124 -42.83 -28.19 -4.18
N LYS B 125 -43.18 -27.07 -3.53
CA LYS B 125 -44.30 -27.03 -2.58
C LYS B 125 -45.06 -25.68 -2.68
N GLY B 126 -46.38 -25.72 -2.57
CA GLY B 126 -47.23 -24.53 -2.74
C GLY B 126 -47.61 -24.26 -4.21
N PRO B 127 -47.81 -22.97 -4.59
CA PRO B 127 -48.21 -22.64 -5.97
C PRO B 127 -47.21 -23.05 -7.06
N LEU B 128 -45.93 -23.08 -6.70
CA LEU B 128 -44.88 -23.43 -7.64
C LEU B 128 -44.98 -24.86 -8.19
N ALA B 129 -45.42 -25.79 -7.35
CA ALA B 129 -45.43 -27.24 -7.67
C ALA B 129 -46.06 -27.58 -9.03
N SER B 130 -47.28 -27.12 -9.25
CA SER B 130 -48.00 -27.29 -10.53
C SER B 130 -47.32 -26.51 -11.66
N GLN B 131 -46.81 -25.30 -11.37
CA GLN B 131 -46.14 -24.45 -12.36
C GLN B 131 -44.83 -25.04 -12.92
N ILE B 132 -44.04 -25.63 -12.03
CA ILE B 132 -42.74 -26.23 -12.36
C ILE B 132 -42.81 -27.75 -12.64
N SER B 133 -43.96 -28.37 -12.34
CA SER B 133 -44.20 -29.81 -12.63
C SER B 133 -43.73 -30.21 -14.03
N GLY B 134 -42.75 -31.12 -14.08
CA GLY B 134 -42.27 -31.71 -15.34
C GLY B 134 -41.21 -30.95 -16.13
N LEU B 135 -40.91 -29.72 -15.69
CA LEU B 135 -39.85 -28.90 -16.29
C LEU B 135 -38.49 -29.35 -15.83
N TYR B 136 -38.44 -29.97 -14.66
CA TYR B 136 -37.27 -30.74 -14.26
C TYR B 136 -37.80 -32.03 -13.71
N LEU B 137 -36.98 -33.08 -13.78
CA LEU B 137 -37.41 -34.42 -13.38
C LEU B 137 -36.45 -35.03 -12.38
N PRO B 138 -36.92 -35.98 -11.58
CA PRO B 138 -35.97 -36.65 -10.72
C PRO B 138 -35.01 -37.57 -11.49
N TYR B 139 -35.46 -38.08 -12.64
CA TYR B 139 -34.66 -38.94 -13.48
C TYR B 139 -35.13 -38.86 -14.92
N LYS B 140 -34.35 -39.44 -15.80
CA LYS B 140 -34.76 -39.70 -17.16
C LYS B 140 -34.19 -41.02 -17.56
N VAL B 141 -34.98 -41.78 -18.31
CA VAL B 141 -34.52 -43.02 -18.93
C VAL B 141 -34.23 -42.74 -20.38
N LEU B 142 -32.95 -42.81 -20.72
CA LEU B 142 -32.48 -42.46 -22.06
C LEU B 142 -32.19 -43.75 -22.82
N PRO B 143 -32.78 -43.90 -24.04
CA PRO B 143 -32.37 -45.00 -24.93
C PRO B 143 -30.98 -44.74 -25.50
N VAL B 144 -30.15 -45.78 -25.50
CA VAL B 144 -28.78 -45.73 -26.03
C VAL B 144 -28.60 -47.04 -26.76
N GLY B 145 -28.76 -46.99 -28.08
CA GLY B 145 -28.82 -48.17 -28.90
C GLY B 145 -30.00 -49.04 -28.53
N ASP B 146 -29.74 -50.34 -28.33
CA ASP B 146 -30.78 -51.29 -27.93
C ASP B 146 -30.95 -51.39 -26.40
N GLU B 147 -30.20 -50.57 -25.65
CA GLU B 147 -30.30 -50.55 -24.19
C GLU B 147 -30.98 -49.26 -23.73
N VAL B 148 -31.21 -49.19 -22.42
CA VAL B 148 -31.61 -47.96 -21.76
C VAL B 148 -30.70 -47.70 -20.58
N VAL B 149 -30.44 -46.42 -20.34
CA VAL B 149 -29.67 -45.95 -19.20
C VAL B 149 -30.50 -44.91 -18.44
N GLY B 150 -30.73 -45.17 -17.15
CA GLY B 150 -31.38 -44.25 -16.25
C GLY B 150 -30.38 -43.24 -15.71
N ILE B 151 -30.77 -41.97 -15.72
CA ILE B 151 -29.94 -40.90 -15.19
C ILE B 151 -30.75 -40.26 -14.09
N VAL B 152 -30.19 -40.23 -12.89
CA VAL B 152 -30.86 -39.66 -11.73
C VAL B 152 -30.05 -38.44 -11.23
N GLY B 153 -30.74 -37.35 -10.97
CA GLY B 153 -30.11 -36.09 -10.66
C GLY B 153 -30.09 -35.76 -9.19
N TYR B 154 -29.15 -34.89 -8.81
CA TYR B 154 -29.12 -34.31 -7.47
C TYR B 154 -28.43 -32.96 -7.47
N THR B 155 -28.74 -32.15 -6.46
CA THR B 155 -28.28 -30.77 -6.37
C THR B 155 -27.93 -30.40 -4.94
N SER B 156 -26.80 -29.72 -4.77
CA SER B 156 -26.30 -29.31 -3.45
C SER B 156 -27.39 -28.74 -2.57
N LYS B 157 -27.53 -29.28 -1.37
CA LYS B 157 -28.44 -28.70 -0.35
C LYS B 157 -27.90 -27.45 0.35
N GLU B 158 -26.70 -27.00 -0.06
CA GLU B 158 -26.25 -25.64 0.24
C GLU B 158 -26.82 -24.58 -0.72
N THR B 159 -27.56 -24.99 -1.76
CA THR B 159 -28.14 -24.06 -2.73
C THR B 159 -28.96 -22.91 -2.13
N PRO B 160 -29.69 -23.17 -1.03
CA PRO B 160 -30.34 -22.06 -0.31
C PRO B 160 -29.41 -21.02 0.31
N PHE B 161 -28.18 -21.41 0.65
CA PHE B 161 -27.20 -20.46 1.21
C PHE B 161 -26.34 -19.80 0.15
N LEU B 162 -26.32 -20.36 -1.06
CA LEU B 162 -25.48 -19.89 -2.16
C LEU B 162 -26.19 -19.19 -3.30
N SER B 163 -27.52 -19.18 -3.30
CA SER B 163 -28.28 -18.70 -4.47
C SER B 163 -29.68 -18.22 -4.09
N ASN B 164 -30.56 -18.09 -5.08
CA ASN B 164 -31.94 -17.63 -4.83
C ASN B 164 -33.02 -18.63 -5.28
N PRO B 165 -33.02 -19.84 -4.69
CA PRO B 165 -34.07 -20.79 -5.03
C PRO B 165 -35.48 -20.47 -4.47
N GLY B 166 -35.60 -19.54 -3.53
CA GLY B 166 -36.90 -19.19 -2.91
C GLY B 166 -37.31 -20.19 -1.84
N THR B 167 -38.40 -19.88 -1.13
CA THR B 167 -38.89 -20.74 -0.04
C THR B 167 -39.82 -21.89 -0.48
N ASN B 168 -40.25 -21.89 -1.75
CA ASN B 168 -41.11 -22.95 -2.28
C ASN B 168 -40.37 -24.19 -2.78
N LEU B 169 -39.04 -24.20 -2.75
CA LEU B 169 -38.25 -25.39 -3.09
C LEU B 169 -37.53 -25.90 -1.85
N VAL B 170 -37.56 -27.21 -1.66
CA VAL B 170 -37.00 -27.86 -0.48
C VAL B 170 -35.88 -28.76 -0.99
N PHE B 171 -34.68 -28.60 -0.45
CA PHE B 171 -33.52 -29.35 -0.91
C PHE B 171 -33.28 -30.50 0.06
N GLU B 172 -33.77 -31.68 -0.28
CA GLU B 172 -33.67 -32.84 0.60
C GLU B 172 -32.24 -33.38 0.62
N ASP B 173 -31.91 -34.11 1.67
CA ASP B 173 -30.67 -34.88 1.71
C ASP B 173 -30.57 -35.77 0.46
N GLU B 174 -29.39 -35.77 -0.17
CA GLU B 174 -29.16 -36.45 -1.46
C GLU B 174 -29.43 -37.96 -1.43
N ILE B 175 -28.81 -38.64 -0.47
CA ILE B 175 -28.89 -40.09 -0.35
C ILE B 175 -30.30 -40.56 -0.04
N THR B 176 -30.99 -39.83 0.82
CA THR B 176 -32.37 -40.15 1.20
C THR B 176 -33.33 -39.99 0.03
N ALA B 177 -33.04 -39.05 -0.86
CA ALA B 177 -33.86 -38.79 -2.05
C ALA B 177 -33.52 -39.72 -3.20
N LEU B 178 -32.23 -40.00 -3.38
CA LEU B 178 -31.77 -40.78 -4.52
C LEU B 178 -32.11 -42.26 -4.41
N GLN B 179 -32.08 -42.81 -3.20
CA GLN B 179 -32.25 -44.26 -3.04
C GLN B 179 -33.63 -44.78 -3.47
N PRO B 180 -34.72 -44.11 -3.07
CA PRO B 180 -36.03 -44.55 -3.57
C PRO B 180 -36.17 -44.49 -5.10
N GLU B 181 -35.60 -43.44 -5.72
CA GLU B 181 -35.62 -43.28 -7.19
C GLU B 181 -34.82 -44.38 -7.93
N VAL B 182 -33.64 -44.72 -7.41
CA VAL B 182 -32.80 -45.76 -8.00
C VAL B 182 -33.47 -47.14 -7.88
N ASP B 183 -34.04 -47.41 -6.71
CA ASP B 183 -34.84 -48.64 -6.46
C ASP B 183 -36.06 -48.70 -7.37
N LYS B 184 -36.73 -47.56 -7.58
CA LYS B 184 -37.91 -47.48 -8.45
C LYS B 184 -37.51 -47.87 -9.89
N LEU B 185 -36.42 -47.28 -10.38
CA LEU B 185 -35.87 -47.62 -11.70
C LEU B 185 -35.50 -49.11 -11.84
N LYS B 186 -34.99 -49.73 -10.78
CA LYS B 186 -34.66 -51.15 -10.84
C LYS B 186 -35.89 -51.98 -11.16
N THR B 187 -37.00 -51.66 -10.51
CA THR B 187 -38.27 -52.36 -10.69
C THR B 187 -38.89 -52.07 -12.07
N LEU B 188 -38.55 -50.90 -12.61
CA LEU B 188 -38.80 -50.53 -13.99
C LEU B 188 -37.84 -51.13 -15.02
N ASN B 189 -37.08 -52.15 -14.64
CA ASN B 189 -36.15 -52.85 -15.51
C ASN B 189 -35.06 -51.99 -16.13
N VAL B 190 -34.60 -51.03 -15.34
CA VAL B 190 -33.49 -50.16 -15.71
C VAL B 190 -32.28 -50.58 -14.90
N ASN B 191 -31.39 -51.32 -15.54
CA ASN B 191 -30.26 -51.99 -14.88
C ASN B 191 -28.94 -51.23 -14.94
N LYS B 192 -28.90 -50.15 -15.71
CA LYS B 192 -27.74 -49.27 -15.78
C LYS B 192 -28.15 -47.91 -15.29
N ILE B 193 -27.44 -47.40 -14.28
CA ILE B 193 -27.83 -46.16 -13.59
C ILE B 193 -26.65 -45.23 -13.31
N ILE B 194 -26.79 -43.99 -13.80
CA ILE B 194 -25.82 -42.92 -13.63
C ILE B 194 -26.40 -41.90 -12.66
N ALA B 195 -25.62 -41.51 -11.68
CA ALA B 195 -26.02 -40.46 -10.76
C ALA B 195 -25.32 -39.26 -11.33
N LEU B 196 -26.07 -38.25 -11.76
CA LEU B 196 -25.48 -37.04 -12.35
C LEU B 196 -25.91 -35.90 -11.46
N GLY B 197 -24.97 -35.18 -10.86
CA GLY B 197 -25.37 -34.12 -9.92
C GLY B 197 -24.33 -33.16 -9.42
N HIS B 198 -24.81 -32.18 -8.65
CA HIS B 198 -24.06 -30.99 -8.31
C HIS B 198 -24.00 -30.76 -6.79
N SER B 199 -23.08 -31.49 -6.14
CA SER B 199 -22.97 -31.43 -4.69
C SER B 199 -21.55 -31.50 -4.12
N GLY B 200 -20.57 -31.84 -4.95
CA GLY B 200 -19.18 -31.93 -4.52
C GLY B 200 -18.65 -33.32 -4.59
N PHE B 201 -17.33 -33.42 -4.75
CA PHE B 201 -16.62 -34.70 -4.86
C PHE B 201 -16.84 -35.57 -3.61
N GLU B 202 -16.89 -34.95 -2.44
CA GLU B 202 -17.12 -35.69 -1.20
C GLU B 202 -18.51 -36.32 -1.10
N MET B 203 -19.54 -35.56 -1.45
CA MET B 203 -20.90 -36.09 -1.55
C MET B 203 -21.00 -37.13 -2.67
N ASP B 204 -20.35 -36.87 -3.80
CA ASP B 204 -20.28 -37.83 -4.91
C ASP B 204 -19.78 -39.21 -4.44
N LYS B 205 -18.73 -39.20 -3.63
CA LYS B 205 -18.15 -40.42 -3.10
C LYS B 205 -19.10 -41.14 -2.16
N LEU B 206 -19.75 -40.38 -1.27
CA LEU B 206 -20.78 -40.95 -0.39
C LEU B 206 -21.91 -41.60 -1.16
N ILE B 207 -22.45 -40.88 -2.14
CA ILE B 207 -23.48 -41.44 -3.03
C ILE B 207 -23.00 -42.77 -3.62
N ALA B 208 -21.80 -42.78 -4.20
CA ALA B 208 -21.20 -44.01 -4.71
C ALA B 208 -21.19 -45.15 -3.69
N GLN B 209 -20.83 -44.81 -2.44
CA GLN B 209 -20.70 -45.77 -1.35
C GLN B 209 -22.03 -46.32 -0.84
N LYS B 210 -23.04 -45.46 -0.75
CA LYS B 210 -24.23 -45.71 0.04
C LYS B 210 -25.53 -45.90 -0.75
N VAL B 211 -25.62 -45.36 -1.97
CA VAL B 211 -26.86 -45.48 -2.75
C VAL B 211 -26.78 -46.76 -3.57
N ARG B 212 -27.37 -47.84 -3.05
CA ARG B 212 -27.39 -49.14 -3.73
C ARG B 212 -28.02 -49.02 -5.14
N GLY B 213 -27.32 -49.55 -6.13
CA GLY B 213 -27.79 -49.58 -7.53
C GLY B 213 -27.19 -48.55 -8.48
N VAL B 214 -26.49 -47.55 -7.92
CA VAL B 214 -25.72 -46.60 -8.73
C VAL B 214 -24.45 -47.24 -9.29
N ASP B 215 -24.25 -47.08 -10.60
CA ASP B 215 -23.10 -47.66 -11.29
C ASP B 215 -21.98 -46.67 -11.54
N VAL B 216 -22.33 -45.39 -11.74
CA VAL B 216 -21.36 -44.33 -11.95
C VAL B 216 -21.91 -43.07 -11.30
N VAL B 217 -21.02 -42.26 -10.74
CA VAL B 217 -21.37 -40.93 -10.23
C VAL B 217 -20.65 -39.91 -11.11
N VAL B 218 -21.39 -38.93 -11.65
CA VAL B 218 -20.82 -37.88 -12.50
C VAL B 218 -21.12 -36.55 -11.79
N GLY B 219 -20.06 -35.88 -11.34
CA GLY B 219 -20.16 -34.80 -10.35
C GLY B 219 -19.77 -33.40 -10.75
N GLY B 220 -19.95 -32.47 -9.82
CA GLY B 220 -19.61 -31.08 -10.00
C GLY B 220 -19.49 -30.34 -8.68
N HIS B 221 -19.59 -29.01 -8.77
CA HIS B 221 -19.65 -28.10 -7.60
C HIS B 221 -18.30 -27.85 -6.91
N SER B 222 -17.50 -28.88 -6.66
CA SER B 222 -16.19 -28.70 -6.02
C SER B 222 -15.03 -28.39 -7.02
N ASN B 223 -15.34 -28.33 -8.32
CA ASN B 223 -14.36 -28.01 -9.37
C ASN B 223 -13.17 -29.01 -9.39
N THR B 224 -13.48 -30.29 -9.23
CA THR B 224 -12.47 -31.29 -8.94
C THR B 224 -11.82 -31.80 -10.19
N PHE B 225 -10.49 -31.92 -10.13
CA PHE B 225 -9.71 -32.39 -11.27
C PHE B 225 -9.19 -33.78 -10.94
N LEU B 226 -9.60 -34.77 -11.72
CA LEU B 226 -9.10 -36.12 -11.59
C LEU B 226 -8.33 -36.46 -12.86
N TYR B 227 -7.22 -37.19 -12.70
CA TYR B 227 -6.40 -37.61 -13.83
C TYR B 227 -5.60 -38.89 -13.52
N THR B 228 -5.44 -39.73 -14.55
CA THR B 228 -4.64 -40.94 -14.44
C THR B 228 -3.43 -40.74 -15.32
N GLY B 229 -2.32 -40.33 -14.71
CA GLY B 229 -1.05 -40.14 -15.40
C GLY B 229 -0.45 -38.76 -15.19
N ASN B 230 0.40 -38.36 -16.15
CA ASN B 230 0.99 -37.03 -16.16
C ASN B 230 -0.05 -36.05 -16.67
N PRO B 231 -0.56 -35.16 -15.79
CA PRO B 231 -1.62 -34.27 -16.22
C PRO B 231 -1.16 -33.28 -17.28
N PRO B 232 -2.08 -32.82 -18.14
CA PRO B 232 -1.65 -31.98 -19.25
C PRO B 232 -1.42 -30.49 -18.96
N SER B 233 -1.78 -29.99 -17.76
CA SER B 233 -1.73 -28.54 -17.49
C SER B 233 -1.38 -28.23 -16.03
N LYS B 234 -1.73 -27.02 -15.58
CA LYS B 234 -1.45 -26.54 -14.21
C LYS B 234 -2.29 -27.24 -13.12
N GLU B 235 -3.40 -27.86 -13.47
CA GLU B 235 -4.30 -28.42 -12.45
C GLU B 235 -3.69 -29.69 -11.89
N VAL B 236 -3.67 -29.77 -10.56
CA VAL B 236 -3.09 -30.88 -9.85
C VAL B 236 -4.21 -31.85 -9.58
N PRO B 237 -4.07 -33.11 -10.03
CA PRO B 237 -5.14 -34.06 -9.77
C PRO B 237 -5.38 -34.24 -8.27
N ALA B 238 -6.66 -34.30 -7.89
CA ALA B 238 -7.02 -34.70 -6.52
C ALA B 238 -7.13 -36.23 -6.33
N GLY B 239 -7.03 -36.98 -7.43
CA GLY B 239 -7.07 -38.45 -7.43
C GLY B 239 -7.03 -39.00 -8.85
N LYS B 240 -7.22 -40.30 -8.96
CA LYS B 240 -7.31 -40.97 -10.25
C LYS B 240 -8.61 -40.59 -10.96
N TYR B 241 -8.59 -40.68 -12.27
CA TYR B 241 -9.80 -40.68 -13.10
C TYR B 241 -9.92 -42.07 -13.74
N PRO B 242 -11.02 -42.79 -13.48
CA PRO B 242 -12.08 -42.47 -12.54
C PRO B 242 -11.59 -42.72 -11.12
N PHE B 243 -12.20 -42.04 -10.16
CA PHE B 243 -11.96 -42.33 -8.77
C PHE B 243 -12.83 -43.50 -8.36
N ILE B 244 -12.22 -44.59 -7.93
CA ILE B 244 -12.97 -45.81 -7.62
C ILE B 244 -13.39 -45.81 -6.18
N VAL B 245 -14.69 -45.87 -5.96
CA VAL B 245 -15.24 -46.07 -4.63
C VAL B 245 -15.67 -47.52 -4.52
N THR B 246 -15.17 -48.16 -3.48
CA THR B 246 -15.63 -49.46 -3.08
C THR B 246 -16.88 -49.23 -2.27
N SER B 247 -18.01 -49.69 -2.80
CA SER B 247 -19.31 -49.44 -2.18
C SER B 247 -19.60 -50.44 -1.08
N ASP B 248 -20.49 -50.05 -0.16
CA ASP B 248 -20.93 -50.91 0.97
C ASP B 248 -21.56 -52.22 0.52
N ASP B 249 -22.20 -52.23 -0.65
CA ASP B 249 -22.71 -53.47 -1.28
C ASP B 249 -21.71 -54.21 -2.21
N GLY B 250 -20.41 -53.91 -2.07
CA GLY B 250 -19.32 -54.77 -2.58
C GLY B 250 -18.84 -54.52 -4.01
N ARG B 251 -19.20 -53.37 -4.57
CA ARG B 251 -18.94 -53.09 -5.95
C ARG B 251 -17.97 -51.93 -6.08
N LYS B 252 -17.39 -51.80 -7.25
CA LYS B 252 -16.53 -50.69 -7.58
C LYS B 252 -17.38 -49.68 -8.33
N VAL B 253 -17.38 -48.43 -7.86
CA VAL B 253 -18.20 -47.37 -8.47
C VAL B 253 -17.27 -46.23 -8.90
N PRO B 254 -17.12 -46.01 -10.23
CA PRO B 254 -16.30 -44.90 -10.67
C PRO B 254 -17.00 -43.55 -10.48
N VAL B 255 -16.23 -42.58 -9.97
CA VAL B 255 -16.68 -41.23 -9.67
C VAL B 255 -15.84 -40.28 -10.52
N VAL B 256 -16.50 -39.41 -11.27
CA VAL B 256 -15.82 -38.52 -12.21
C VAL B 256 -16.30 -37.06 -12.09
N GLN B 257 -15.37 -36.13 -12.24
CA GLN B 257 -15.65 -34.72 -12.34
C GLN B 257 -14.66 -34.23 -13.38
N ALA B 258 -14.84 -33.01 -13.88
CA ALA B 258 -13.90 -32.51 -14.90
C ALA B 258 -13.58 -31.04 -14.72
N TYR B 259 -13.11 -30.72 -13.53
CA TYR B 259 -12.58 -29.41 -13.18
C TYR B 259 -13.65 -28.33 -13.43
N ALA B 260 -13.47 -27.43 -14.40
CA ALA B 260 -14.37 -26.28 -14.53
C ALA B 260 -14.00 -25.46 -15.73
N PHE B 261 -14.86 -24.49 -16.04
CA PHE B 261 -14.56 -23.47 -17.06
C PHE B 261 -14.50 -23.97 -18.52
N GLY B 262 -15.07 -25.14 -18.77
CA GLY B 262 -14.98 -25.85 -20.06
C GLY B 262 -13.58 -26.18 -20.55
N LYS B 263 -12.58 -26.18 -19.65
CA LYS B 263 -11.20 -26.43 -20.04
C LYS B 263 -10.99 -27.88 -20.46
N TYR B 264 -11.75 -28.79 -19.86
CA TYR B 264 -11.66 -30.21 -20.19
C TYR B 264 -13.02 -30.81 -20.48
N LEU B 265 -13.05 -31.76 -21.41
CA LEU B 265 -14.19 -32.65 -21.61
C LEU B 265 -13.85 -33.94 -20.90
N GLY B 266 -14.70 -34.33 -19.96
CA GLY B 266 -14.52 -35.60 -19.26
C GLY B 266 -14.88 -36.70 -20.24
N TYR B 267 -14.13 -37.81 -20.16
CA TYR B 267 -14.25 -38.93 -21.09
C TYR B 267 -14.03 -40.22 -20.34
N LEU B 268 -15.11 -40.98 -20.09
CA LEU B 268 -15.03 -42.30 -19.41
C LEU B 268 -15.75 -43.42 -20.18
N LYS B 269 -15.00 -44.40 -20.68
CA LYS B 269 -15.60 -45.57 -21.34
C LYS B 269 -15.94 -46.65 -20.29
N ILE B 270 -17.22 -46.93 -20.10
CA ILE B 270 -17.69 -47.99 -19.19
C ILE B 270 -17.91 -49.27 -19.98
N GLU B 271 -17.49 -50.40 -19.43
CA GLU B 271 -17.77 -51.71 -20.01
C GLU B 271 -18.76 -52.43 -19.06
N PHE B 272 -20.01 -52.58 -19.51
CA PHE B 272 -21.10 -53.20 -18.73
C PHE B 272 -21.31 -54.64 -19.15
N ASP B 273 -21.81 -55.46 -18.23
CA ASP B 273 -22.30 -56.78 -18.58
C ASP B 273 -23.80 -56.74 -18.92
N GLU B 274 -24.33 -57.88 -19.33
CA GLU B 274 -25.76 -58.06 -19.67
C GLU B 274 -26.76 -57.68 -18.57
N ARG B 275 -26.31 -57.67 -17.30
CA ARG B 275 -27.14 -57.24 -16.17
C ARG B 275 -26.90 -55.79 -15.72
N GLY B 276 -26.10 -55.03 -16.46
CA GLY B 276 -25.82 -53.61 -16.15
C GLY B 276 -24.86 -53.35 -14.98
N ASN B 277 -24.01 -54.35 -14.68
CA ASN B 277 -22.93 -54.20 -13.72
C ASN B 277 -21.69 -53.77 -14.48
N VAL B 278 -20.98 -52.80 -13.93
CA VAL B 278 -19.75 -52.33 -14.54
C VAL B 278 -18.66 -53.41 -14.38
N ILE B 279 -18.06 -53.81 -15.48
CA ILE B 279 -16.90 -54.70 -15.45
C ILE B 279 -15.59 -53.91 -15.38
N SER B 280 -15.47 -52.89 -16.23
CA SER B 280 -14.26 -52.06 -16.31
C SER B 280 -14.64 -50.64 -16.72
N SER B 281 -13.82 -49.67 -16.29
CA SER B 281 -13.89 -48.30 -16.83
C SER B 281 -12.51 -47.71 -16.92
N HIS B 282 -12.32 -46.86 -17.91
CA HIS B 282 -11.05 -46.17 -18.10
C HIS B 282 -11.31 -44.87 -18.84
N GLY B 283 -10.45 -43.88 -18.62
CA GLY B 283 -10.55 -42.63 -19.32
C GLY B 283 -9.64 -41.57 -18.75
N ASN B 284 -9.94 -40.33 -19.13
CA ASN B 284 -9.29 -39.13 -18.58
C ASN B 284 -10.02 -37.89 -19.07
N PRO B 285 -9.93 -36.78 -18.33
CA PRO B 285 -10.40 -35.55 -18.96
C PRO B 285 -9.50 -35.19 -20.12
N ILE B 286 -10.10 -34.72 -21.21
CA ILE B 286 -9.40 -34.31 -22.41
C ILE B 286 -9.26 -32.81 -22.35
N LEU B 287 -8.02 -32.31 -22.46
CA LEU B 287 -7.75 -30.90 -22.39
C LEU B 287 -8.15 -30.31 -23.73
N LEU B 288 -9.05 -29.33 -23.70
CA LEU B 288 -9.54 -28.68 -24.90
C LEU B 288 -8.66 -27.47 -25.24
N ASN B 289 -7.42 -27.76 -25.64
CA ASN B 289 -6.43 -26.76 -26.09
C ASN B 289 -6.54 -26.50 -27.60
N SER B 290 -5.73 -25.56 -28.10
CA SER B 290 -5.84 -25.08 -29.49
C SER B 290 -5.44 -26.07 -30.60
N SER B 291 -4.95 -27.26 -30.24
CA SER B 291 -4.84 -28.37 -31.20
C SER B 291 -6.18 -28.74 -31.81
N ILE B 292 -7.20 -28.81 -30.97
CA ILE B 292 -8.56 -29.11 -31.40
C ILE B 292 -9.11 -27.82 -31.99
N PRO B 293 -9.50 -27.83 -33.28
CA PRO B 293 -10.06 -26.59 -33.85
C PRO B 293 -11.48 -26.30 -33.37
N GLU B 294 -11.82 -25.01 -33.28
CA GLU B 294 -13.20 -24.59 -33.08
C GLU B 294 -14.03 -24.95 -34.31
N ASP B 295 -15.19 -25.56 -34.10
CA ASP B 295 -16.10 -25.88 -35.18
C ASP B 295 -16.53 -24.59 -35.89
N PRO B 296 -16.39 -24.52 -37.22
CA PRO B 296 -16.73 -23.27 -37.93
C PRO B 296 -18.14 -22.72 -37.68
N SER B 297 -19.12 -23.61 -37.57
CA SER B 297 -20.53 -23.22 -37.41
C SER B 297 -20.84 -22.72 -36.02
N ILE B 298 -20.42 -23.48 -35.01
CA ILE B 298 -20.63 -23.04 -33.63
C ILE B 298 -19.88 -21.73 -33.37
N LYS B 299 -18.62 -21.65 -33.83
CA LYS B 299 -17.79 -20.43 -33.76
C LYS B 299 -18.46 -19.22 -34.43
N ALA B 300 -19.02 -19.41 -35.63
CA ALA B 300 -19.71 -18.31 -36.34
C ALA B 300 -20.98 -17.87 -35.61
N ASP B 301 -21.61 -18.82 -34.93
CA ASP B 301 -22.83 -18.57 -34.19
C ASP B 301 -22.49 -17.85 -32.90
N ILE B 302 -21.43 -18.28 -32.22
CA ILE B 302 -20.88 -17.55 -31.08
C ILE B 302 -20.61 -16.06 -31.43
N ASN B 303 -19.96 -15.83 -32.56
CA ASN B 303 -19.66 -14.46 -33.04
C ASN B 303 -20.89 -13.59 -33.31
N LYS B 304 -21.99 -14.21 -33.75
CA LYS B 304 -23.30 -13.54 -33.92
C LYS B 304 -23.85 -13.11 -32.55
N TRP B 305 -23.79 -14.01 -31.57
CA TRP B 305 -24.22 -13.71 -30.20
C TRP B 305 -23.25 -12.73 -29.52
N ARG B 306 -21.97 -12.79 -29.91
CA ARG B 306 -20.93 -11.96 -29.32
C ARG B 306 -21.11 -10.45 -29.51
N ILE B 307 -21.82 -10.02 -30.55
CA ILE B 307 -21.86 -8.60 -30.91
C ILE B 307 -22.55 -7.74 -29.83
N LYS B 308 -23.61 -8.28 -29.22
CA LYS B 308 -24.29 -7.62 -28.09
C LYS B 308 -23.37 -7.43 -26.86
N LEU B 309 -22.32 -8.26 -26.74
CA LEU B 309 -21.37 -8.22 -25.62
C LEU B 309 -20.23 -7.23 -25.79
N ASP B 310 -19.92 -6.87 -27.03
CA ASP B 310 -18.81 -5.97 -27.30
C ASP B 310 -18.98 -4.56 -26.70
N ASP B 311 -20.20 -4.18 -26.32
CA ASP B 311 -20.44 -2.91 -25.57
C ASP B 311 -19.73 -2.87 -24.18
N TYR B 312 -19.48 -4.05 -23.62
CA TYR B 312 -18.82 -4.19 -22.34
C TYR B 312 -17.28 -4.27 -22.44
N SER B 313 -16.73 -4.33 -23.64
CA SER B 313 -15.25 -4.38 -23.84
C SER B 313 -14.67 -3.24 -24.71
N THR B 314 -15.49 -2.26 -25.08
CA THR B 314 -15.05 -1.17 -25.98
C THR B 314 -14.19 -0.14 -25.25
N GLN B 315 -14.65 0.28 -24.07
CA GLN B 315 -13.92 1.24 -23.23
C GLN B 315 -12.90 0.52 -22.35
N GLU B 316 -11.61 0.78 -22.59
CA GLU B 316 -10.59 0.43 -21.61
C GLU B 316 -10.84 1.29 -20.36
N LEU B 317 -10.85 0.66 -19.20
CA LEU B 317 -10.96 1.40 -17.93
C LEU B 317 -9.56 1.77 -17.43
N GLY B 318 -8.59 0.89 -17.64
CA GLY B 318 -7.21 1.13 -17.29
C GLY B 318 -6.34 -0.06 -17.67
N LYS B 319 -5.21 -0.18 -16.97
CA LYS B 319 -4.12 -1.04 -17.36
C LYS B 319 -3.54 -1.66 -16.08
N THR B 320 -3.21 -2.94 -16.11
CA THR B 320 -2.43 -3.58 -15.05
C THR B 320 -1.10 -3.92 -15.65
N ILE B 321 -0.04 -3.61 -14.91
CA ILE B 321 1.31 -4.03 -15.29
C ILE B 321 1.69 -5.28 -14.50
N VAL B 322 0.76 -5.84 -13.72
CA VAL B 322 1.01 -7.11 -13.04
C VAL B 322 -0.12 -8.08 -13.28
N TYR B 323 0.20 -9.36 -13.17
CA TYR B 323 -0.81 -10.40 -13.21
C TYR B 323 -1.66 -10.17 -11.99
N LEU B 324 -2.97 -10.09 -12.21
CA LEU B 324 -3.97 -9.97 -11.14
C LEU B 324 -4.50 -11.37 -10.83
N ASP B 325 -3.99 -11.95 -9.75
CA ASP B 325 -4.23 -13.34 -9.40
C ASP B 325 -5.56 -13.46 -8.67
N GLY B 326 -6.60 -13.68 -9.44
CA GLY B 326 -7.92 -14.00 -8.92
C GLY B 326 -8.20 -15.49 -8.94
N SER B 327 -7.17 -16.32 -8.78
CA SER B 327 -7.35 -17.75 -8.96
C SER B 327 -7.81 -18.32 -7.64
N SER B 328 -8.82 -19.17 -7.71
CA SER B 328 -9.21 -20.03 -6.60
C SER B 328 -8.02 -20.51 -5.74
N GLN B 329 -6.94 -20.93 -6.40
CA GLN B 329 -5.87 -21.62 -5.73
C GLN B 329 -4.99 -20.69 -4.93
N SER B 330 -4.96 -19.41 -5.31
CA SER B 330 -4.31 -18.36 -4.54
C SER B 330 -5.26 -17.79 -3.49
N CYS B 331 -6.39 -17.21 -3.94
CA CYS B 331 -7.28 -16.42 -3.06
C CYS B 331 -8.08 -17.18 -1.99
N ARG B 332 -8.14 -18.50 -2.11
CA ARG B 332 -8.74 -19.32 -1.07
C ARG B 332 -7.73 -19.95 -0.11
N PHE B 333 -6.44 -19.84 -0.43
CA PHE B 333 -5.36 -20.42 0.38
C PHE B 333 -4.34 -19.45 0.98
N ARG B 334 -4.21 -18.26 0.39
N ARG B 334 -4.23 -18.25 0.42
CA ARG B 334 -3.23 -17.28 0.85
CA ARG B 334 -3.24 -17.28 0.87
C ARG B 334 -3.57 -15.90 0.32
C ARG B 334 -3.60 -15.89 0.36
N GLU B 335 -2.79 -14.90 0.74
CA GLU B 335 -2.92 -13.54 0.25
C GLU B 335 -2.82 -13.58 -1.26
N CYS B 336 -3.73 -12.89 -1.93
CA CYS B 336 -3.69 -12.80 -3.38
C CYS B 336 -3.87 -11.35 -3.74
N ASN B 337 -3.19 -10.93 -4.80
CA ASN B 337 -3.08 -9.53 -5.12
C ASN B 337 -4.37 -8.98 -5.68
N MET B 338 -5.24 -9.86 -6.20
CA MET B 338 -6.61 -9.44 -6.61
C MET B 338 -7.50 -9.12 -5.41
N GLY B 339 -7.34 -9.89 -4.33
CA GLY B 339 -8.07 -9.60 -3.12
C GLY B 339 -7.66 -8.24 -2.62
N ASN B 340 -6.33 -8.00 -2.60
CA ASN B 340 -5.76 -6.73 -2.16
C ASN B 340 -6.25 -5.56 -3.01
N LEU B 341 -6.29 -5.75 -4.33
CA LEU B 341 -6.77 -4.75 -5.28
C LEU B 341 -8.15 -4.37 -4.89
N ILE B 342 -9.02 -5.37 -4.72
CA ILE B 342 -10.44 -5.14 -4.46
C ILE B 342 -10.67 -4.47 -3.11
N CYS B 343 -9.93 -4.87 -2.09
CA CYS B 343 -10.06 -4.22 -0.78
C CYS B 343 -9.58 -2.77 -0.79
N ASP B 344 -8.46 -2.52 -1.44
CA ASP B 344 -7.96 -1.13 -1.62
C ASP B 344 -8.94 -0.27 -2.41
N ALA B 345 -9.63 -0.86 -3.37
CA ALA B 345 -10.68 -0.15 -4.13
C ALA B 345 -11.88 0.13 -3.22
N MET B 346 -12.27 -0.87 -2.44
CA MET B 346 -13.32 -0.72 -1.44
C MET B 346 -13.02 0.45 -0.54
N ILE B 347 -11.83 0.46 0.04
CA ILE B 347 -11.43 1.46 1.01
C ILE B 347 -11.38 2.83 0.33
N ASN B 348 -10.71 2.89 -0.82
CA ASN B 348 -10.51 4.13 -1.56
C ASN B 348 -11.80 4.78 -2.01
N ASN B 349 -12.66 3.98 -2.62
CA ASN B 349 -13.90 4.48 -3.14
C ASN B 349 -14.79 5.01 -2.03
N ASN B 350 -14.83 4.30 -0.90
CA ASN B 350 -15.60 4.81 0.26
C ASN B 350 -15.16 6.20 0.79
N LEU B 351 -13.86 6.51 0.77
CA LEU B 351 -13.37 7.84 1.23
C LEU B 351 -13.80 9.02 0.35
N ARG B 352 -14.23 8.75 -0.89
CA ARG B 352 -14.92 9.72 -1.74
C ARG B 352 -16.16 10.34 -1.04
N HIS B 353 -16.97 9.49 -0.40
CA HIS B 353 -18.22 9.92 0.26
C HIS B 353 -17.94 10.76 1.50
N THR B 354 -17.58 12.02 1.27
CA THR B 354 -17.14 12.95 2.32
C THR B 354 -18.29 13.42 3.25
N ASP B 355 -19.48 13.63 2.68
CA ASP B 355 -20.68 14.08 3.44
C ASP B 355 -21.10 13.15 4.59
N GLU B 356 -20.86 11.84 4.44
CA GLU B 356 -21.15 10.83 5.49
C GLU B 356 -19.95 10.66 6.46
N MET B 357 -19.99 11.39 7.57
CA MET B 357 -18.85 11.51 8.51
C MET B 357 -18.51 10.25 9.34
N PHE B 358 -19.44 9.30 9.43
CA PHE B 358 -19.24 8.12 10.28
C PHE B 358 -18.25 7.11 9.69
N TRP B 359 -18.20 7.03 8.36
CA TRP B 359 -17.35 6.09 7.65
C TRP B 359 -16.17 6.74 6.88
N ASN B 360 -15.93 8.05 7.04
CA ASN B 360 -14.96 8.75 6.17
C ASN B 360 -13.48 8.59 6.57
N HIS B 361 -13.19 7.81 7.61
CA HIS B 361 -11.81 7.36 7.89
C HIS B 361 -11.66 5.83 7.80
N VAL B 362 -12.65 5.13 7.22
CA VAL B 362 -12.64 3.66 7.24
C VAL B 362 -11.44 3.18 6.48
N SER B 363 -10.68 2.30 7.12
CA SER B 363 -9.41 1.80 6.59
C SER B 363 -9.26 0.28 6.66
N MET B 364 -10.31 -0.44 7.05
CA MET B 364 -10.27 -1.89 7.25
C MET B 364 -11.28 -2.60 6.33
N CYS B 365 -10.79 -3.61 5.62
CA CYS B 365 -11.60 -4.31 4.63
C CYS B 365 -11.47 -5.82 4.84
N ILE B 366 -12.57 -6.57 4.75
CA ILE B 366 -12.49 -8.03 4.63
C ILE B 366 -13.30 -8.48 3.44
N LEU B 367 -12.82 -9.52 2.76
CA LEU B 367 -13.36 -9.95 1.47
C LEU B 367 -13.22 -11.47 1.31
N ASN B 368 -14.34 -12.17 1.17
CA ASN B 368 -14.30 -13.63 0.97
C ASN B 368 -13.58 -13.99 -0.33
N GLY B 369 -12.60 -14.88 -0.24
CA GLY B 369 -11.87 -15.36 -1.42
C GLY B 369 -12.76 -15.94 -2.49
N GLY B 370 -13.78 -16.69 -2.08
CA GLY B 370 -14.73 -17.32 -3.00
C GLY B 370 -15.56 -16.35 -3.85
N GLY B 371 -15.61 -15.09 -3.44
CA GLY B 371 -16.26 -14.03 -4.20
C GLY B 371 -15.43 -13.45 -5.31
N ILE B 372 -14.13 -13.80 -5.35
CA ILE B 372 -13.21 -13.43 -6.46
C ILE B 372 -13.14 -14.63 -7.42
N ARG B 373 -13.47 -14.38 -8.69
CA ARG B 373 -13.94 -15.46 -9.60
C ARG B 373 -13.15 -15.67 -10.89
N SER B 374 -12.09 -14.91 -11.05
CA SER B 374 -11.26 -14.97 -12.24
C SER B 374 -10.07 -14.09 -12.01
N PRO B 375 -8.91 -14.47 -12.56
CA PRO B 375 -7.79 -13.53 -12.70
C PRO B 375 -7.97 -12.58 -13.88
N ILE B 376 -7.02 -11.64 -14.02
CA ILE B 376 -6.92 -10.79 -15.23
C ILE B 376 -5.47 -10.82 -15.65
N ASP B 377 -5.22 -10.99 -16.94
CA ASP B 377 -3.87 -11.15 -17.47
C ASP B 377 -3.24 -9.79 -17.79
N GLU B 378 -1.92 -9.67 -17.53
CA GLU B 378 -1.14 -8.45 -17.80
C GLU B 378 -0.43 -8.45 -19.14
N ARG B 379 -0.38 -9.58 -19.82
CA ARG B 379 0.30 -9.65 -21.12
C ARG B 379 -0.48 -8.87 -22.17
N ASN B 380 0.18 -8.45 -23.24
CA ASN B 380 -0.44 -7.63 -24.29
C ASN B 380 -1.06 -6.33 -23.73
N ASP B 381 -0.24 -5.57 -23.00
CA ASP B 381 -0.62 -4.30 -22.36
C ASP B 381 -1.70 -4.37 -21.26
N GLY B 382 -1.96 -5.58 -20.73
CA GLY B 382 -2.88 -5.78 -19.60
C GLY B 382 -4.09 -4.87 -19.49
N THR B 383 -4.86 -4.82 -20.56
CA THR B 383 -6.08 -4.01 -20.61
C THR B 383 -7.09 -4.60 -19.64
N ILE B 384 -7.87 -3.70 -19.06
CA ILE B 384 -8.94 -4.05 -18.16
C ILE B 384 -10.19 -3.36 -18.69
N THR B 385 -11.20 -4.16 -19.00
CA THR B 385 -12.51 -3.69 -19.46
C THR B 385 -13.57 -4.11 -18.45
N TRP B 386 -14.78 -3.62 -18.64
CA TRP B 386 -15.92 -4.03 -17.83
C TRP B 386 -16.06 -5.56 -17.90
N GLU B 387 -15.97 -6.10 -19.11
CA GLU B 387 -15.99 -7.55 -19.35
C GLU B 387 -15.01 -8.33 -18.49
N ASN B 388 -13.78 -7.82 -18.36
CA ASN B 388 -12.75 -8.47 -17.50
C ASN B 388 -13.16 -8.44 -16.06
N LEU B 389 -13.62 -7.27 -15.62
CA LEU B 389 -14.15 -7.08 -14.29
C LEU B 389 -15.40 -7.89 -14.01
N ALA B 390 -16.28 -7.99 -14.99
CA ALA B 390 -17.54 -8.74 -14.84
C ALA B 390 -17.33 -10.22 -14.48
N ALA B 391 -16.19 -10.79 -14.87
CA ALA B 391 -15.81 -12.18 -14.55
C ALA B 391 -15.10 -12.31 -13.22
N VAL B 392 -14.53 -11.23 -12.71
CA VAL B 392 -13.95 -11.23 -11.37
C VAL B 392 -15.07 -11.13 -10.35
N LEU B 393 -16.07 -10.30 -10.63
CA LEU B 393 -17.16 -10.02 -9.72
C LEU B 393 -18.50 -10.17 -10.42
N PRO B 394 -18.93 -11.42 -10.64
CA PRO B 394 -20.20 -11.66 -11.32
C PRO B 394 -21.46 -11.73 -10.42
N PHE B 395 -21.33 -11.59 -9.10
CA PHE B 395 -22.46 -11.69 -8.17
C PHE B 395 -23.37 -10.44 -7.98
N GLY B 396 -22.98 -9.28 -8.53
CA GLY B 396 -23.85 -8.06 -8.45
C GLY B 396 -24.07 -7.47 -7.04
N GLY B 397 -23.17 -7.75 -6.12
CA GLY B 397 -23.32 -7.26 -4.74
C GLY B 397 -22.93 -5.80 -4.54
N THR B 398 -22.95 -5.38 -3.27
CA THR B 398 -22.48 -4.05 -2.86
C THR B 398 -21.38 -4.21 -1.83
N PHE B 399 -20.61 -3.15 -1.67
CA PHE B 399 -19.60 -3.10 -0.63
C PHE B 399 -20.09 -2.23 0.55
N ASP B 400 -20.46 -2.90 1.63
CA ASP B 400 -21.14 -2.30 2.76
C ASP B 400 -20.24 -2.03 3.94
N LEU B 401 -20.75 -1.21 4.84
CA LEU B 401 -20.00 -0.70 5.95
C LEU B 401 -20.65 -1.23 7.21
N VAL B 402 -19.87 -1.91 8.03
CA VAL B 402 -20.36 -2.43 9.31
C VAL B 402 -19.52 -1.92 10.46
N GLN B 403 -20.14 -1.83 11.62
CA GLN B 403 -19.45 -1.55 12.86
C GLN B 403 -19.42 -2.86 13.64
N LEU B 404 -18.22 -3.35 13.95
CA LEU B 404 -17.98 -4.67 14.61
C LEU B 404 -17.13 -4.59 15.89
N LYS B 405 -17.49 -5.39 16.88
CA LYS B 405 -16.64 -5.60 18.07
C LYS B 405 -15.41 -6.36 17.62
N GLY B 406 -14.26 -6.05 18.22
CA GLY B 406 -13.05 -6.80 17.97
C GLY B 406 -13.31 -8.30 18.09
N SER B 407 -13.96 -8.69 19.18
CA SER B 407 -14.29 -10.09 19.42
C SER B 407 -15.03 -10.73 18.22
N THR B 408 -15.99 -10.02 17.63
CA THR B 408 -16.72 -10.51 16.45
C THR B 408 -15.76 -10.73 15.28
N LEU B 409 -14.86 -9.79 15.08
CA LEU B 409 -13.92 -9.83 13.97
C LEU B 409 -12.87 -10.91 14.16
N LYS B 410 -12.35 -11.04 15.37
CA LYS B 410 -11.50 -12.16 15.76
C LYS B 410 -12.16 -13.51 15.45
N LYS B 411 -13.44 -13.64 15.78
CA LYS B 411 -14.21 -14.86 15.44
C LYS B 411 -14.37 -15.06 13.93
N ALA B 412 -14.49 -13.96 13.19
CA ALA B 412 -14.54 -14.02 11.73
C ALA B 412 -13.28 -14.62 11.18
N PHE B 413 -12.12 -14.11 11.60
CA PHE B 413 -10.83 -14.60 11.15
C PHE B 413 -10.56 -16.04 11.58
N GLU B 414 -11.16 -16.50 12.67
CA GLU B 414 -11.08 -17.94 13.02
C GLU B 414 -11.93 -18.76 12.05
N HIS B 415 -13.14 -18.30 11.78
CA HIS B 415 -13.99 -18.99 10.81
C HIS B 415 -13.29 -19.07 9.43
N SER B 416 -12.60 -17.99 9.05
CA SER B 416 -11.80 -17.90 7.82
C SER B 416 -10.91 -19.11 7.49
N VAL B 417 -10.34 -19.74 8.53
CA VAL B 417 -9.41 -20.87 8.39
C VAL B 417 -9.82 -22.09 9.21
N HIS B 418 -11.09 -22.18 9.61
CA HIS B 418 -11.54 -23.23 10.53
C HIS B 418 -11.43 -24.64 9.90
N ARG B 419 -11.68 -24.73 8.60
CA ARG B 419 -11.57 -26.01 7.85
C ARG B 419 -10.57 -25.88 6.67
N TYR B 420 -9.48 -25.14 6.93
CA TYR B 420 -8.52 -24.74 5.91
C TYR B 420 -7.90 -25.94 5.19
N GLY B 421 -7.64 -25.79 3.88
CA GLY B 421 -7.09 -26.84 3.01
C GLY B 421 -8.04 -27.43 1.97
N GLN B 422 -9.33 -27.10 2.08
CA GLN B 422 -10.39 -27.66 1.23
C GLN B 422 -10.89 -26.69 0.14
N SER B 423 -10.13 -25.63 -0.13
CA SER B 423 -10.46 -24.66 -1.18
C SER B 423 -11.87 -24.02 -1.00
N THR B 424 -12.20 -23.68 0.25
CA THR B 424 -13.51 -23.07 0.53
C THR B 424 -13.43 -21.54 0.50
N GLY B 425 -14.55 -20.91 0.15
CA GLY B 425 -14.58 -19.49 -0.14
C GLY B 425 -14.51 -18.55 1.04
N GLU B 426 -14.73 -19.05 2.25
CA GLU B 426 -14.70 -18.19 3.45
C GLU B 426 -13.32 -17.60 3.77
N PHE B 427 -12.23 -18.12 3.18
CA PHE B 427 -10.89 -17.53 3.39
C PHE B 427 -10.86 -16.04 3.03
N LEU B 428 -10.39 -15.21 3.96
CA LEU B 428 -10.59 -13.76 3.89
C LEU B 428 -9.38 -13.03 3.32
N GLN B 429 -9.58 -12.32 2.20
CA GLN B 429 -8.60 -11.33 1.75
C GLN B 429 -8.92 -10.07 2.52
N VAL B 430 -7.97 -9.16 2.62
CA VAL B 430 -8.07 -8.07 3.60
C VAL B 430 -7.42 -6.77 3.17
N GLY B 431 -7.79 -5.68 3.83
CA GLY B 431 -7.06 -4.43 3.79
C GLY B 431 -7.04 -3.79 5.15
N GLY B 432 -5.94 -3.15 5.49
CA GLY B 432 -5.79 -2.54 6.81
C GLY B 432 -5.77 -3.55 7.94
N ILE B 433 -5.45 -4.81 7.61
CA ILE B 433 -5.39 -5.89 8.57
C ILE B 433 -4.14 -6.69 8.28
N HIS B 434 -3.32 -6.93 9.30
CA HIS B 434 -2.22 -7.87 9.22
C HIS B 434 -2.55 -9.02 10.15
N VAL B 435 -2.86 -10.16 9.54
CA VAL B 435 -3.22 -11.35 10.29
C VAL B 435 -2.13 -12.39 10.07
N VAL B 436 -1.90 -13.22 11.09
CA VAL B 436 -0.96 -14.35 11.07
C VAL B 436 -1.68 -15.57 11.60
N TYR B 437 -1.61 -16.68 10.88
CA TYR B 437 -2.30 -17.92 11.25
C TYR B 437 -1.29 -19.02 11.58
N ASP B 438 -1.56 -19.78 12.63
CA ASP B 438 -0.82 -21.03 12.90
C ASP B 438 -1.76 -22.22 12.71
N LEU B 439 -1.65 -22.90 11.57
CA LEU B 439 -2.53 -24.03 11.21
C LEU B 439 -2.31 -25.34 12.02
N SER B 440 -1.16 -25.47 12.69
CA SER B 440 -0.95 -26.57 13.63
C SER B 440 -1.85 -26.45 14.87
N ARG B 441 -2.34 -25.25 15.17
CA ARG B 441 -3.26 -25.07 16.31
C ARG B 441 -4.68 -25.58 16.00
N LYS B 442 -5.47 -25.72 17.07
CA LYS B 442 -6.85 -26.19 16.99
C LYS B 442 -7.74 -25.21 16.18
N PRO B 443 -8.68 -25.74 15.35
CA PRO B 443 -9.66 -24.83 14.71
C PRO B 443 -10.41 -23.99 15.76
N GLY B 444 -10.56 -22.70 15.51
CA GLY B 444 -11.11 -21.77 16.50
C GLY B 444 -10.02 -21.13 17.35
N ASP B 445 -8.76 -21.47 17.09
CA ASP B 445 -7.61 -20.96 17.86
C ASP B 445 -6.33 -20.89 16.99
N ARG B 446 -6.51 -20.53 15.72
CA ARG B 446 -5.41 -20.46 14.74
C ARG B 446 -4.86 -19.08 14.47
N VAL B 447 -5.56 -18.04 14.92
CA VAL B 447 -5.11 -16.66 14.70
C VAL B 447 -4.18 -16.32 15.87
N VAL B 448 -2.87 -16.25 15.59
CA VAL B 448 -1.89 -15.91 16.63
C VAL B 448 -1.45 -14.43 16.62
N LYS B 449 -1.68 -13.71 15.52
CA LYS B 449 -1.51 -12.26 15.47
C LYS B 449 -2.61 -11.63 14.61
N LEU B 450 -3.16 -10.53 15.09
CA LEU B 450 -4.17 -9.81 14.37
C LEU B 450 -4.00 -8.34 14.70
N ASP B 451 -3.32 -7.62 13.81
CA ASP B 451 -3.09 -6.19 13.96
C ASP B 451 -3.93 -5.48 12.92
N VAL B 452 -4.51 -4.34 13.30
CA VAL B 452 -5.38 -3.57 12.45
C VAL B 452 -5.00 -2.10 12.54
N LEU B 453 -5.21 -1.36 11.45
CA LEU B 453 -4.95 0.10 11.48
C LEU B 453 -5.83 0.81 12.52
N CYS B 454 -5.20 1.65 13.34
CA CYS B 454 -5.93 2.46 14.32
C CYS B 454 -6.73 3.56 13.60
N THR B 455 -7.88 3.95 14.15
CA THR B 455 -8.66 5.12 13.66
C THR B 455 -8.52 6.34 14.56
N LYS B 456 -8.47 6.15 15.87
CA LYS B 456 -8.37 7.26 16.83
C LYS B 456 -7.05 8.06 16.71
N CYS B 457 -5.96 7.33 16.48
CA CYS B 457 -4.63 7.89 16.17
C CYS B 457 -4.60 8.90 15.00
N ARG B 458 -3.64 9.83 15.05
CA ARG B 458 -3.45 10.82 13.98
C ARG B 458 -2.69 10.28 12.78
N VAL B 459 -1.74 9.37 13.03
CA VAL B 459 -0.99 8.67 11.99
C VAL B 459 -1.44 7.23 12.03
N PRO B 460 -1.96 6.69 10.93
CA PRO B 460 -2.35 5.30 10.97
C PRO B 460 -1.18 4.34 11.15
N SER B 461 -1.32 3.40 12.07
CA SER B 461 -0.38 2.32 12.25
C SER B 461 -1.10 1.07 12.71
N TYR B 462 -0.45 -0.09 12.50
CA TYR B 462 -1.05 -1.37 12.83
C TYR B 462 -0.79 -1.69 14.29
N ASP B 463 -1.84 -1.62 15.09
CA ASP B 463 -1.81 -2.01 16.48
C ASP B 463 -2.58 -3.32 16.65
N PRO B 464 -2.25 -4.10 17.69
CA PRO B 464 -3.01 -5.35 17.92
C PRO B 464 -4.51 -5.11 18.16
N LEU B 465 -5.35 -5.92 17.53
CA LEU B 465 -6.78 -5.85 17.78
C LEU B 465 -7.10 -6.13 19.23
N LYS B 466 -8.05 -5.36 19.76
CA LYS B 466 -8.50 -5.44 21.14
C LYS B 466 -9.91 -6.00 21.11
N MET B 467 -10.18 -7.02 21.94
CA MET B 467 -11.42 -7.81 21.88
C MET B 467 -12.66 -6.95 22.14
N ASP B 468 -12.55 -6.00 23.07
CA ASP B 468 -13.66 -5.12 23.50
C ASP B 468 -13.71 -3.72 22.84
N GLU B 469 -12.74 -3.39 21.99
CA GLU B 469 -12.81 -2.17 21.17
C GLU B 469 -13.75 -2.43 19.98
N VAL B 470 -14.07 -1.37 19.24
CA VAL B 470 -15.02 -1.41 18.13
C VAL B 470 -14.35 -0.84 16.88
N TYR B 471 -14.63 -1.48 15.74
CA TYR B 471 -13.92 -1.27 14.48
C TYR B 471 -14.93 -1.08 13.35
N LYS B 472 -14.60 -0.21 12.41
CA LYS B 472 -15.46 0.06 11.26
C LYS B 472 -14.83 -0.62 10.08
N VAL B 473 -15.58 -1.49 9.41
CA VAL B 473 -15.01 -2.35 8.39
C VAL B 473 -15.87 -2.30 7.16
N ILE B 474 -15.23 -2.24 5.98
CA ILE B 474 -15.94 -2.36 4.71
C ILE B 474 -15.84 -3.82 4.19
N LEU B 475 -16.96 -4.36 3.73
CA LEU B 475 -17.03 -5.76 3.33
C LEU B 475 -18.18 -5.98 2.35
N PRO B 476 -18.18 -7.13 1.67
CA PRO B 476 -19.33 -7.46 0.83
C PRO B 476 -20.61 -7.58 1.64
N ASN B 477 -21.73 -7.17 1.05
CA ASN B 477 -23.02 -7.35 1.70
C ASN B 477 -23.35 -8.83 1.98
N PHE B 478 -22.93 -9.71 1.09
CA PHE B 478 -22.94 -11.16 1.35
C PHE B 478 -22.41 -11.55 2.75
N LEU B 479 -21.30 -10.94 3.16
CA LEU B 479 -20.72 -11.21 4.48
C LEU B 479 -21.45 -10.53 5.63
N ALA B 480 -21.80 -9.26 5.44
CA ALA B 480 -22.65 -8.55 6.39
C ALA B 480 -23.93 -9.32 6.70
N ASN B 481 -24.57 -9.87 5.67
CA ASN B 481 -25.84 -10.62 5.81
C ASN B 481 -25.70 -12.11 6.22
N GLY B 482 -24.50 -12.52 6.65
CA GLY B 482 -24.30 -13.82 7.31
C GLY B 482 -23.65 -14.89 6.45
N GLY B 483 -23.46 -14.61 5.16
CA GLY B 483 -23.04 -15.61 4.18
C GLY B 483 -21.70 -16.26 4.49
N ASP B 484 -21.44 -17.39 3.82
CA ASP B 484 -20.19 -18.14 3.98
C ASP B 484 -19.98 -18.61 5.41
N GLY B 485 -21.07 -18.85 6.13
CA GLY B 485 -21.02 -19.20 7.56
C GLY B 485 -20.67 -18.09 8.55
N PHE B 486 -20.41 -16.87 8.10
CA PHE B 486 -20.05 -15.76 8.99
C PHE B 486 -21.28 -15.20 9.74
N GLN B 487 -21.88 -16.03 10.60
CA GLN B 487 -23.13 -15.69 11.30
C GLN B 487 -22.90 -14.61 12.36
N MET B 488 -21.76 -14.71 13.05
CA MET B 488 -21.34 -13.71 14.03
C MET B 488 -21.40 -12.27 13.47
N ILE B 489 -21.09 -12.07 12.19
CA ILE B 489 -21.16 -10.74 11.59
C ILE B 489 -22.62 -10.26 11.60
N LYS B 490 -23.51 -11.05 11.00
CA LYS B 490 -24.95 -10.76 10.96
C LYS B 490 -25.54 -10.59 12.36
N ASP B 491 -25.20 -11.50 13.26
CA ASP B 491 -25.74 -11.47 14.62
C ASP B 491 -25.13 -10.37 15.52
N GLU B 492 -23.85 -10.06 15.32
CA GLU B 492 -23.13 -9.21 16.29
C GLU B 492 -22.81 -7.80 15.82
N LEU B 493 -22.88 -7.53 14.53
CA LEU B 493 -22.67 -6.17 14.03
C LEU B 493 -23.55 -5.14 14.73
N LEU B 494 -22.99 -3.96 14.94
CA LEU B 494 -23.64 -2.87 15.69
C LEU B 494 -24.32 -1.82 14.80
N ARG B 495 -23.80 -1.65 13.59
CA ARG B 495 -24.38 -0.82 12.53
C ARG B 495 -24.12 -1.53 11.21
N HIS B 496 -25.01 -1.31 10.24
CA HIS B 496 -24.80 -1.84 8.89
C HIS B 496 -25.43 -0.89 7.87
N ASP B 497 -24.59 -0.32 7.00
CA ASP B 497 -25.01 0.64 5.98
C ASP B 497 -24.72 0.09 4.58
N SER B 498 -25.67 0.26 3.65
CA SER B 498 -25.49 -0.11 2.24
C SER B 498 -24.45 0.81 1.64
N GLY B 499 -23.53 0.26 0.86
CA GLY B 499 -22.60 1.06 0.06
C GLY B 499 -22.87 0.95 -1.43
N ASP B 500 -21.79 1.07 -2.20
CA ASP B 500 -21.83 1.10 -3.66
C ASP B 500 -21.67 -0.27 -4.29
N GLN B 501 -22.09 -0.35 -5.56
CA GLN B 501 -22.09 -1.61 -6.33
C GLN B 501 -20.69 -2.06 -6.58
N ASP B 502 -20.44 -3.35 -6.38
CA ASP B 502 -19.08 -3.86 -6.32
C ASP B 502 -18.27 -3.61 -7.61
N ILE B 503 -18.84 -3.92 -8.75
CA ILE B 503 -18.12 -3.75 -10.01
C ILE B 503 -17.86 -2.28 -10.35
N ASN B 504 -18.81 -1.41 -9.98
CA ASN B 504 -18.61 0.03 -10.06
C ASN B 504 -17.44 0.53 -9.24
N VAL B 505 -17.40 0.11 -7.99
CA VAL B 505 -16.30 0.47 -7.08
C VAL B 505 -14.94 0.19 -7.71
N VAL B 506 -14.75 -1.00 -8.27
CA VAL B 506 -13.44 -1.42 -8.78
C VAL B 506 -13.08 -0.76 -10.12
N SER B 507 -14.07 -0.51 -10.97
CA SER B 507 -13.83 0.21 -12.24
C SER B 507 -13.52 1.67 -11.99
N THR B 508 -14.25 2.30 -11.08
CA THR B 508 -13.97 3.67 -10.66
C THR B 508 -12.53 3.84 -10.15
N TYR B 509 -12.06 2.87 -9.37
CA TYR B 509 -10.71 2.88 -8.79
C TYR B 509 -9.67 2.73 -9.87
N ILE B 510 -9.90 1.80 -10.77
CA ILE B 510 -9.01 1.57 -11.92
C ILE B 510 -8.95 2.77 -12.91
N SER B 511 -10.10 3.38 -13.18
CA SER B 511 -10.14 4.60 -14.00
C SER B 511 -9.35 5.76 -13.36
N LYS B 512 -9.49 5.92 -12.04
CA LYS B 512 -8.70 6.88 -11.25
C LYS B 512 -7.18 6.57 -11.26
N MET B 513 -6.80 5.32 -10.98
CA MET B 513 -5.38 4.94 -10.94
C MET B 513 -4.71 4.89 -12.32
N LYS B 514 -5.49 4.55 -13.37
CA LYS B 514 -4.98 4.39 -14.75
C LYS B 514 -4.12 3.12 -14.86
N VAL B 515 -3.03 3.08 -14.10
CA VAL B 515 -2.12 1.94 -14.07
C VAL B 515 -2.12 1.40 -12.66
N ILE B 516 -2.44 0.12 -12.53
CA ILE B 516 -2.42 -0.59 -11.24
C ILE B 516 -1.36 -1.70 -11.19
N TYR B 517 -0.93 -1.99 -9.97
CA TYR B 517 0.23 -2.84 -9.67
C TYR B 517 0.14 -3.43 -8.24
N PRO B 518 -1.00 -4.02 -7.88
CA PRO B 518 -1.15 -4.54 -6.53
C PRO B 518 -0.21 -5.71 -6.27
N ALA B 519 0.38 -5.71 -5.07
CA ALA B 519 1.36 -6.69 -4.66
C ALA B 519 0.83 -7.52 -3.53
N VAL B 520 1.48 -8.65 -3.31
CA VAL B 520 1.30 -9.47 -2.11
C VAL B 520 2.29 -8.88 -1.13
N GLU B 521 1.80 -8.38 0.01
CA GLU B 521 2.60 -7.51 0.91
C GLU B 521 2.89 -8.09 2.26
N GLY B 522 2.25 -9.19 2.61
CA GLY B 522 2.39 -9.75 3.94
C GLY B 522 1.23 -9.45 4.84
N ARG B 523 0.09 -9.10 4.24
CA ARG B 523 -1.15 -8.86 4.97
C ARG B 523 -1.64 -10.14 5.64
N ILE B 524 -1.37 -11.28 5.01
CA ILE B 524 -1.71 -12.57 5.56
C ILE B 524 -0.45 -13.44 5.57
N LYS B 525 -0.13 -13.98 6.73
CA LYS B 525 1.08 -14.75 6.94
C LYS B 525 0.79 -16.05 7.71
N PHE B 526 1.67 -17.05 7.55
CA PHE B 526 1.55 -18.32 8.27
C PHE B 526 2.81 -18.56 9.10
N SER B 527 2.65 -18.91 10.37
CA SER B 527 3.76 -19.17 11.30
C SER B 527 3.70 -20.60 11.88
N HIS B 528 4.78 -21.03 12.55
CA HIS B 528 4.86 -22.40 13.13
C HIS B 528 5.03 -22.42 14.66
ZN ZN C . 19.55 24.15 9.83
ZN ZN D . 22.84 23.95 9.05
CA CA E . 37.08 36.00 28.81
C1 NAG F . 3.34 29.21 27.33
C2 NAG F . 1.95 28.68 27.65
C3 NAG F . 1.64 28.93 29.12
C4 NAG F . 2.70 28.27 30.00
C5 NAG F . 4.11 28.71 29.57
C6 NAG F . 5.19 27.94 30.33
C7 NAG F . 0.10 28.64 25.94
C8 NAG F . -0.09 27.14 25.85
N2 NAG F . 0.98 29.26 26.75
O3 NAG F . 0.39 28.37 29.39
O4 NAG F . 2.47 28.52 31.38
O5 NAG F . 4.28 28.55 28.16
O6 NAG F . 6.38 27.80 29.60
O7 NAG F . -0.62 29.32 25.22
C1 A1JCF G . 20.14 19.38 -2.98
C3 A1JCF G . 21.88 19.96 -1.23
C5 A1JCF G . 23.16 19.28 -1.79
C6 A1JCF G . 23.80 20.31 -2.77
C7 A1JCF G . 22.95 21.56 -2.70
C8 A1JCF G . 23.13 22.79 -3.34
C11 A1JCF G . 20.98 22.43 -1.62
C12 A1JCF G . 21.89 21.38 -1.83
C15 A1JCF G . 18.27 16.73 -0.46
C17 A1JCF G . 19.45 17.27 1.41
C21 A1JCF G . 20.23 18.17 0.66
C27 A1JCF G . 20.98 17.81 6.73
O28 A1JCF G . 20.00 18.47 7.52
C32 A1JCF G . 21.38 20.23 8.99
C37 A1JCF G . 21.25 15.80 5.20
C40 A1JCF G . 20.35 15.31 4.04
O42 A1JCF G . 19.57 14.16 4.40
N2 A1JCF G . 20.67 19.17 -1.60
C9 A1JCF G . 22.22 23.82 -3.13
C10 A1JCF G . 21.15 23.64 -2.26
C13 A1JCF G . 19.97 18.32 -0.72
N14 A1JCF G . 18.98 17.56 -1.20
N16 A1JCF G . 18.50 16.57 0.83
N18 A1JCF G . 19.90 17.31 2.69
N19 A1JCF G . 20.94 18.22 2.71
N20 A1JCF G . 21.11 18.70 1.53
C22 A1JCF G . 19.41 16.52 3.80
O24 A1JCF G . 19.39 17.28 5.01
C25 A1JCF G . 20.26 16.67 6.00
P29 A1JCF G . 20.17 18.89 9.07
O30 A1JCF G . 20.71 17.76 9.86
O31 A1JCF G . 18.72 19.25 9.66
P33 A1JCF G . 20.72 21.58 7.96
O34 A1JCF G . 21.88 22.43 7.69
O35 A1JCF G . 20.19 21.16 6.50
O36 A1JCF G . 19.59 22.13 8.90
O39 A1JCF G . 21.75 14.71 5.98
CL43 A1JCF G . 17.03 15.79 -1.19
P PO4 H . 16.06 46.31 4.19
O1 PO4 H . 16.65 44.94 3.92
O2 PO4 H . 16.89 47.31 3.40
O3 PO4 H . 14.60 46.31 3.76
O4 PO4 H . 16.11 46.71 5.65
ZN ZN I . -19.62 -23.98 -9.80
ZN ZN J . -21.84 -25.19 -7.64
CA CA K . -26.40 -51.43 -12.72
C1 NAG L . -2.54 -30.12 -26.44
C2 NAG L . -1.14 -29.60 -26.78
C3 NAG L . -0.30 -30.73 -27.38
C4 NAG L . -0.04 -31.75 -26.28
C5 NAG L . -1.39 -32.20 -25.72
C6 NAG L . -1.13 -32.92 -24.39
C7 NAG L . -0.90 -27.16 -27.36
C8 NAG L . -0.35 -26.71 -26.02
N2 NAG L . -1.22 -28.42 -27.64
O3 NAG L . 0.93 -30.26 -27.89
O4 NAG L . 0.72 -32.86 -26.78
O5 NAG L . -2.35 -31.16 -25.47
O6 NAG L . -2.37 -33.21 -23.80
O7 NAG L . -1.06 -26.30 -28.22
C1 A1JCF M . -24.52 -12.89 -3.58
C3 A1JCF M . -25.00 -15.40 -3.29
C5 A1JCF M . -25.74 -15.47 -1.93
C6 A1JCF M . -27.23 -15.43 -2.29
C7 A1JCF M . -27.32 -15.28 -3.79
C8 A1JCF M . -28.45 -15.16 -4.59
C11 A1JCF M . -25.92 -15.12 -5.74
C12 A1JCF M . -26.07 -15.26 -4.36
C15 A1JCF M . -20.58 -13.43 -2.89
C17 A1JCF M . -20.58 -15.68 -2.91
C21 A1JCF M . -21.97 -15.70 -3.07
C27 A1JCF M . -18.69 -20.95 -3.30
O28 A1JCF M . -18.05 -21.15 -4.56
C32 A1JCF M . -18.96 -23.51 -5.46
C37 A1JCF M . -18.71 -19.40 -1.33
C40 A1JCF M . -18.62 -17.88 -1.25
O42 A1JCF M . -17.33 -17.50 -0.83
N2 A1JCF M . -24.03 -14.26 -3.26
C9 A1JCF M . -28.31 -15.02 -5.97
C10 A1JCF M . -27.04 -15.00 -6.55
C13 A1JCF M . -22.65 -14.46 -3.14
N14 A1JCF M . -21.88 -13.38 -3.05
N16 A1JCF M . -19.92 -14.55 -2.83
N18 A1JCF M . -20.18 -16.98 -2.88
N19 A1JCF M . -21.31 -17.78 -2.99
N20 A1JCF M . -22.32 -17.00 -3.11
C22 A1JCF M . -18.83 -17.44 -2.71
O24 A1JCF M . -18.64 -18.59 -3.54
C25 A1JCF M . -18.14 -19.65 -2.73
P29 A1JCF M . -17.47 -22.56 -5.03
O30 A1JCF M . -16.75 -23.22 -3.90
O31 A1JCF M . -16.50 -22.31 -6.29
P33 A1JCF M . -19.86 -22.62 -6.78
O34 A1JCF M . -21.22 -23.18 -6.90
O35 A1JCF M . -20.09 -21.11 -6.32
O36 A1JCF M . -18.92 -22.77 -8.04
O39 A1JCF M . -17.90 -20.02 -0.35
CL43 A1JCF M . -19.71 -11.95 -2.78
P PO4 N . -32.68 -22.52 -28.82
O1 PO4 N . -32.03 -21.40 -29.61
O2 PO4 N . -32.06 -23.81 -29.32
O3 PO4 N . -32.46 -22.31 -27.33
O4 PO4 N . -34.18 -22.49 -29.00
#